data_4B11
#
_entry.id   4B11
#
_cell.length_a   57.340
_cell.length_b   119.030
_cell.length_c   175.470
_cell.angle_alpha   90.00
_cell.angle_beta   90.00
_cell.angle_gamma   90.00
#
_symmetry.space_group_name_H-M   'P 21 21 21'
#
loop_
_entity.id
_entity.type
_entity.pdbx_description
1 polymer 'GLYCYLPEPTIDE N-TETRADECANOYLTRANSFERASE'
2 non-polymer 3-methyl-N-(naphthalen-1-ylmethyl)-4-piperidin-4-yloxy-1-benzofuran-2-carboxamide
3 non-polymer 2-oxopentadecyl-CoA
4 non-polymer 'DIMETHYL SULFOXIDE'
5 non-polymer 'SULFATE ION'
6 non-polymer 'CHLORIDE ION'
7 non-polymer 'MAGNESIUM ION'
8 water water
#
_entity_poly.entity_id   1
_entity_poly.type   'polypeptide(L)'
_entity_poly.pdbx_seq_one_letter_code
;MDYKFWYTQPVPKINDEFNESVNEPFISDNKVEDVRKDEYKLPPGYSWYVCDVKDEKDRSEIYTLLTDNYVEDDDNIFRF
NYSAEFLLWALTSPNYLKTWHIGVKYDASNKLIGFISAIPTDICIHKRTIKMAEVNFLCVHKTLRSKRLAPVLIKEITRR
INLENIWQAIYTAGVYLPKPVSDARYYHRSINVKKLIEIGFSSLNSRLTMSRAIKLYRVEDTLNIKNMRLMKKKDVEGVH
KLLGSYLEQFNLYAVFTKEEIAHWFLPIENVIYTYVNEENGKIKDMISFYSLPSQILGNDKYSTLNAAYSFYNVTTTATF
KQLMQDAILLAKRNNFDVFNALEVMQNKSVFEDLKFGEGDGSLKYYLYNWKCASFAPAHVGIVLL
;
_entity_poly.pdbx_strand_id   A,B,C
#
# COMPACT_ATOMS: atom_id res chain seq x y z
N MET A 1 27.79 13.91 28.49
CA MET A 1 27.20 14.80 27.45
C MET A 1 26.15 15.70 28.09
N ASP A 2 26.45 16.99 28.24
CA ASP A 2 25.51 17.93 28.87
C ASP A 2 24.67 18.68 27.82
N TYR A 3 25.09 18.52 26.56
CA TYR A 3 24.55 19.29 25.40
C TYR A 3 24.23 20.75 25.80
N LYS A 4 25.25 21.49 26.21
CA LYS A 4 24.97 22.86 26.63
C LYS A 4 24.47 23.76 25.51
N PHE A 5 24.89 23.51 24.27
CA PHE A 5 24.34 24.31 23.15
C PHE A 5 22.93 23.75 22.80
N TRP A 6 22.88 22.43 22.55
CA TRP A 6 21.60 21.87 22.06
C TRP A 6 20.41 22.06 22.99
N TYR A 7 20.61 21.97 24.31
CA TYR A 7 19.51 22.21 25.25
C TYR A 7 18.96 23.64 25.26
N THR A 8 19.61 24.61 24.57
CA THR A 8 19.04 25.93 24.36
C THR A 8 18.08 26.00 23.15
N GLN A 9 18.10 24.94 22.30
CA GLN A 9 17.44 24.91 21.03
C GLN A 9 16.05 24.24 21.14
N PRO A 10 15.16 24.60 20.21
CA PRO A 10 13.85 23.94 20.17
C PRO A 10 13.93 22.47 19.53
N VAL A 11 14.49 21.51 20.26
CA VAL A 11 14.70 20.09 19.89
C VAL A 11 14.41 19.33 21.15
N PRO A 12 14.04 18.06 21.01
CA PRO A 12 13.67 17.19 22.19
C PRO A 12 14.83 17.02 23.15
N LYS A 13 14.50 17.04 24.44
CA LYS A 13 15.48 16.58 25.44
C LYS A 13 15.77 15.06 25.22
N ILE A 14 16.95 14.60 25.65
CA ILE A 14 17.36 13.21 25.49
C ILE A 14 16.35 12.22 25.93
N ASN A 15 15.56 12.58 26.95
CA ASN A 15 14.57 11.64 27.43
C ASN A 15 13.13 11.98 27.12
N ASP A 16 12.90 12.92 26.20
CA ASP A 16 11.53 13.19 25.72
C ASP A 16 11.06 12.05 24.82
N GLU A 17 9.79 11.71 24.99
CA GLU A 17 9.13 10.64 24.29
CA GLU A 17 9.14 10.64 24.21
C GLU A 17 7.76 11.18 23.92
N PHE A 18 7.45 11.35 22.65
CA PHE A 18 6.10 11.79 22.26
C PHE A 18 5.34 10.69 21.50
N ASN A 19 4.03 10.61 21.75
CA ASN A 19 3.02 9.72 21.12
CA ASN A 19 3.27 9.59 21.05
C ASN A 19 2.75 10.10 19.69
N GLU A 20 2.20 9.16 18.88
CA GLU A 20 1.74 9.58 17.55
C GLU A 20 0.64 10.66 17.53
N SER A 21 0.02 11.00 18.65
CA SER A 21 -0.99 12.06 18.62
C SER A 21 -0.28 13.43 18.58
N VAL A 22 1.07 13.47 18.67
CA VAL A 22 1.83 14.75 18.78
C VAL A 22 2.60 14.91 17.51
N ASN A 23 2.40 16.01 16.78
CA ASN A 23 3.10 16.17 15.51
C ASN A 23 2.96 17.67 15.19
N GLU A 24 3.88 18.44 15.76
CA GLU A 24 3.74 19.91 15.76
C GLU A 24 5.08 20.54 16.16
N PRO A 25 5.22 21.87 15.96
CA PRO A 25 6.39 22.57 16.43
C PRO A 25 6.60 22.55 17.94
N PHE A 26 7.85 22.71 18.36
CA PHE A 26 8.08 23.12 19.73
C PHE A 26 7.63 24.56 19.90
N ILE A 27 7.88 25.42 18.91
CA ILE A 27 7.57 26.86 19.05
C ILE A 27 6.86 27.28 17.82
N SER A 28 5.59 27.66 17.99
CA SER A 28 4.70 28.04 16.89
CA SER A 28 4.73 28.05 16.87
C SER A 28 4.50 29.55 16.95
N ASP A 29 3.69 30.06 16.03
CA ASP A 29 3.38 31.53 15.93
C ASP A 29 4.66 32.43 15.85
N ASN A 30 5.64 31.98 15.11
CA ASN A 30 6.90 32.70 14.97
C ASN A 30 6.66 33.83 14.03
N LYS A 31 7.38 34.93 14.22
CA LYS A 31 7.17 36.12 13.35
C LYS A 31 8.44 36.48 12.61
N VAL A 32 8.39 36.54 11.28
CA VAL A 32 9.56 36.99 10.55
C VAL A 32 10.03 38.40 11.00
N GLU A 33 9.09 39.30 11.32
CA GLU A 33 9.48 40.63 11.79
C GLU A 33 10.36 40.62 13.03
N ASP A 34 10.29 39.59 13.86
CA ASP A 34 11.04 39.54 15.07
C ASP A 34 12.41 38.92 14.97
N VAL A 35 12.71 38.33 13.81
CA VAL A 35 14.02 37.70 13.59
C VAL A 35 15.16 38.73 13.68
N ARG A 36 16.27 38.36 14.28
CA ARG A 36 17.44 39.29 14.45
C ARG A 36 17.93 39.63 13.07
N LYS A 37 18.18 40.91 12.80
CA LYS A 37 18.72 41.29 11.50
C LYS A 37 20.25 41.40 11.47
N ASP A 38 20.85 41.32 12.65
CA ASP A 38 22.27 41.34 12.78
C ASP A 38 22.91 39.94 12.60
N GLU A 39 24.00 39.91 11.84
CA GLU A 39 24.82 38.66 11.87
C GLU A 39 25.36 38.30 13.21
N TYR A 40 25.43 37.01 13.45
CA TYR A 40 26.03 36.50 14.66
C TYR A 40 27.49 36.93 14.74
N LYS A 41 27.93 37.24 15.96
CA LYS A 41 29.32 37.61 16.15
C LYS A 41 30.26 36.43 16.04
N LEU A 42 31.36 36.59 15.29
CA LEU A 42 32.50 35.65 15.23
C LEU A 42 33.68 36.12 16.03
N PRO A 43 34.50 35.17 16.49
CA PRO A 43 35.71 35.60 17.22
C PRO A 43 36.61 36.56 16.41
N PRO A 44 37.42 37.38 17.11
CA PRO A 44 38.19 38.39 16.37
C PRO A 44 39.08 37.73 15.29
N GLY A 45 39.18 38.36 14.14
CA GLY A 45 40.01 37.84 13.04
C GLY A 45 39.28 36.95 12.07
N TYR A 46 37.98 36.68 12.35
CA TYR A 46 37.18 35.84 11.40
C TYR A 46 35.99 36.65 10.86
N SER A 47 35.49 36.37 9.66
CA SER A 47 34.38 37.09 9.09
CA SER A 47 34.41 37.12 9.05
C SER A 47 33.45 36.16 8.29
N TRP A 48 32.17 36.55 8.21
CA TRP A 48 31.23 35.79 7.34
C TRP A 48 31.58 36.00 5.89
N TYR A 49 31.32 35.00 5.07
CA TYR A 49 31.48 35.21 3.65
C TYR A 49 30.30 34.56 2.89
N VAL A 50 29.68 35.25 1.95
CA VAL A 50 28.59 34.55 1.30
C VAL A 50 29.18 33.90 0.05
N CYS A 51 29.07 32.57 -0.01
CA CYS A 51 29.71 31.77 -1.08
C CYS A 51 28.80 31.84 -2.26
N ASP A 52 29.35 32.05 -3.45
CA ASP A 52 28.52 31.84 -4.66
C ASP A 52 28.91 30.52 -5.30
N VAL A 53 28.14 29.46 -5.00
CA VAL A 53 28.51 28.14 -5.52
CA VAL A 53 28.43 28.13 -5.52
C VAL A 53 28.48 28.03 -7.04
N LYS A 54 27.86 28.98 -7.73
CA LYS A 54 27.89 28.99 -9.15
C LYS A 54 29.18 29.61 -9.79
N ASP A 55 29.93 30.36 -8.96
CA ASP A 55 31.26 30.77 -9.30
C ASP A 55 32.33 29.68 -9.06
N GLU A 56 33.05 29.29 -10.14
CA GLU A 56 33.94 28.14 -10.05
C GLU A 56 34.95 28.40 -8.90
N LYS A 57 35.45 29.62 -8.77
CA LYS A 57 36.50 29.81 -7.73
C LYS A 57 35.95 29.70 -6.29
N ASP A 58 34.75 30.26 -6.03
CA ASP A 58 34.16 30.10 -4.67
C ASP A 58 33.87 28.63 -4.41
N ARG A 59 33.33 27.95 -5.44
CA ARG A 59 33.00 26.53 -5.28
C ARG A 59 34.24 25.77 -5.02
N SER A 60 35.35 26.10 -5.69
N SER A 60 35.34 26.10 -5.71
CA SER A 60 36.61 25.42 -5.42
CA SER A 60 36.59 25.42 -5.45
C SER A 60 37.09 25.58 -3.96
C SER A 60 37.10 25.60 -4.00
N GLU A 61 36.83 26.76 -3.39
CA GLU A 61 37.19 27.07 -1.95
CA GLU A 61 37.26 26.97 -1.98
C GLU A 61 36.48 26.12 -1.02
N ILE A 62 35.15 26.01 -1.28
CA ILE A 62 34.34 25.06 -0.48
C ILE A 62 34.90 23.62 -0.70
N TYR A 63 35.08 23.21 -1.95
CA TYR A 63 35.64 21.93 -2.28
C TYR A 63 36.93 21.66 -1.46
N THR A 64 37.86 22.62 -1.47
CA THR A 64 39.13 22.45 -0.72
C THR A 64 38.89 22.31 0.77
N LEU A 65 37.97 23.10 1.34
CA LEU A 65 37.71 23.03 2.74
C LEU A 65 37.22 21.63 3.06
N LEU A 66 36.24 21.14 2.25
CA LEU A 66 35.65 19.82 2.66
C LEU A 66 36.64 18.66 2.33
N THR A 67 37.39 18.80 1.25
CA THR A 67 38.40 17.73 0.90
C THR A 67 39.38 17.51 2.08
N ASP A 68 39.82 18.63 2.68
CA ASP A 68 40.76 18.53 3.76
C ASP A 68 40.19 18.32 5.13
N ASN A 69 38.91 18.69 5.38
CA ASN A 69 38.39 18.81 6.74
C ASN A 69 37.05 18.11 7.00
N TYR A 70 36.51 17.34 6.04
CA TYR A 70 35.17 16.85 6.24
C TYR A 70 35.14 15.50 6.96
N VAL A 71 34.02 14.81 6.88
CA VAL A 71 33.80 13.55 7.62
C VAL A 71 34.82 12.41 7.26
N GLU A 72 35.37 11.74 8.30
CA GLU A 72 36.25 10.59 8.15
C GLU A 72 35.54 9.38 8.78
N ASP A 73 36.00 8.18 8.39
CA ASP A 73 35.54 6.93 9.05
C ASP A 73 36.13 6.95 10.45
N ASP A 74 35.76 5.97 11.26
CA ASP A 74 36.22 5.82 12.67
C ASP A 74 37.70 5.58 12.85
N ASP A 75 38.34 4.91 11.89
CA ASP A 75 39.79 4.78 11.93
C ASP A 75 40.57 5.93 11.31
N ASN A 76 39.85 6.98 10.84
CA ASN A 76 40.52 8.10 10.20
C ASN A 76 41.42 7.55 9.11
N ILE A 77 40.89 6.56 8.39
CA ILE A 77 41.50 5.93 7.19
C ILE A 77 41.00 6.58 5.85
N PHE A 78 39.75 7.00 5.86
CA PHE A 78 39.14 7.55 4.67
C PHE A 78 38.53 8.92 5.00
N ARG A 79 38.44 9.79 4.00
CA ARG A 79 37.70 11.05 4.21
C ARG A 79 36.77 11.34 3.01
N PHE A 80 35.51 11.70 3.28
CA PHE A 80 34.65 12.01 2.14
C PHE A 80 35.26 13.07 1.27
N ASN A 81 35.10 12.93 -0.04
CA ASN A 81 35.66 13.85 -1.03
C ASN A 81 34.57 14.21 -2.09
N TYR A 82 33.52 14.91 -1.63
CA TYR A 82 32.46 15.30 -2.57
C TYR A 82 33.12 16.17 -3.65
N SER A 83 32.82 15.94 -4.92
CA SER A 83 33.42 16.74 -6.00
C SER A 83 32.87 18.10 -6.10
N ALA A 84 33.60 19.00 -6.81
CA ALA A 84 33.08 20.38 -6.95
C ALA A 84 31.79 20.33 -7.74
N GLU A 85 31.72 19.51 -8.80
CA GLU A 85 30.52 19.35 -9.59
CA GLU A 85 30.45 19.44 -9.56
C GLU A 85 29.33 18.89 -8.72
N PHE A 86 29.63 17.94 -7.80
CA PHE A 86 28.58 17.42 -6.98
C PHE A 86 28.04 18.54 -6.10
N LEU A 87 28.94 19.30 -5.51
CA LEU A 87 28.51 20.48 -4.71
C LEU A 87 27.58 21.44 -5.40
N LEU A 88 27.93 21.75 -6.63
CA LEU A 88 27.09 22.62 -7.47
C LEU A 88 25.64 21.98 -7.54
N TRP A 89 25.56 20.71 -7.90
CA TRP A 89 24.27 19.98 -7.90
C TRP A 89 23.55 20.01 -6.60
N ALA A 90 24.25 19.71 -5.49
CA ALA A 90 23.63 19.55 -4.18
C ALA A 90 23.06 20.85 -3.62
N LEU A 91 23.66 21.98 -4.04
CA LEU A 91 23.33 23.29 -3.41
C LEU A 91 22.50 24.25 -4.30
N THR A 92 22.15 23.84 -5.54
CA THR A 92 21.47 24.81 -6.42
C THR A 92 20.18 24.22 -6.94
N SER A 93 19.52 23.41 -6.12
CA SER A 93 18.19 22.87 -6.40
C SER A 93 17.11 24.01 -6.56
N PRO A 94 15.93 23.66 -7.01
CA PRO A 94 14.93 24.74 -7.22
C PRO A 94 14.64 25.68 -6.04
N ASN A 95 14.66 26.94 -6.37
CA ASN A 95 14.41 28.03 -5.40
C ASN A 95 15.47 28.06 -4.24
N TYR A 96 16.68 27.53 -4.50
N TYR A 96 16.67 27.50 -4.48
CA TYR A 96 17.74 27.65 -3.51
CA TYR A 96 17.76 27.62 -3.53
C TYR A 96 18.03 29.11 -3.23
C TYR A 96 18.04 29.10 -3.23
N LEU A 97 18.56 29.36 -2.04
CA LEU A 97 19.00 30.73 -1.63
C LEU A 97 20.53 30.75 -1.53
N LYS A 98 21.18 31.59 -2.32
CA LYS A 98 22.62 31.83 -2.17
C LYS A 98 23.04 32.19 -0.74
N THR A 99 22.20 32.97 -0.09
CA THR A 99 22.46 33.42 1.28
C THR A 99 22.36 32.34 2.32
N TRP A 100 22.03 31.07 1.93
CA TRP A 100 22.04 29.97 2.93
C TRP A 100 23.28 29.14 2.62
N HIS A 101 24.21 29.67 1.84
CA HIS A 101 25.52 28.98 1.57
C HIS A 101 26.63 29.76 2.27
N ILE A 102 26.89 29.48 3.53
CA ILE A 102 27.57 30.47 4.38
C ILE A 102 28.97 29.96 4.71
N GLY A 103 30.00 30.75 4.36
CA GLY A 103 31.34 30.51 4.83
C GLY A 103 31.81 31.40 5.96
N VAL A 104 32.96 30.99 6.53
CA VAL A 104 33.64 31.85 7.52
C VAL A 104 35.09 31.88 7.08
N LYS A 105 35.63 33.10 6.82
CA LYS A 105 37.04 33.20 6.46
CA LYS A 105 37.02 33.29 6.43
C LYS A 105 37.91 33.70 7.63
N TYR A 106 39.17 33.25 7.64
CA TYR A 106 40.21 33.83 8.51
C TYR A 106 40.77 35.05 7.79
N ASP A 107 40.66 36.18 8.43
CA ASP A 107 40.88 37.42 7.64
C ASP A 107 42.35 37.48 7.24
N ALA A 108 43.25 37.03 8.09
CA ALA A 108 44.66 37.33 7.82
C ALA A 108 45.18 36.60 6.61
N SER A 109 44.60 35.45 6.27
CA SER A 109 45.04 34.64 5.09
C SER A 109 43.99 34.67 3.98
N ASN A 110 42.81 35.18 4.30
CA ASN A 110 41.70 35.23 3.33
C ASN A 110 41.26 33.85 2.95
N LYS A 111 41.43 32.88 3.85
CA LYS A 111 41.10 31.48 3.55
C LYS A 111 39.80 31.04 4.25
N LEU A 112 39.01 30.21 3.57
CA LEU A 112 37.80 29.69 4.15
C LEU A 112 38.15 28.69 5.19
N ILE A 113 37.58 28.81 6.38
CA ILE A 113 37.89 27.92 7.45
C ILE A 113 36.60 27.30 8.02
N GLY A 114 35.46 27.69 7.51
CA GLY A 114 34.19 27.14 8.07
C GLY A 114 33.10 27.25 7.00
N PHE A 115 32.12 26.33 7.05
CA PHE A 115 31.03 26.37 6.05
C PHE A 115 29.80 25.66 6.63
N ILE A 116 28.61 26.11 6.21
CA ILE A 116 27.35 25.39 6.54
C ILE A 116 26.40 25.76 5.41
N SER A 117 25.48 24.86 5.05
CA SER A 117 24.61 25.17 3.90
C SER A 117 23.21 24.64 4.18
N ALA A 118 22.27 25.22 3.47
CA ALA A 118 20.87 24.61 3.48
C ALA A 118 20.26 24.86 2.17
N ILE A 119 19.28 23.99 1.88
CA ILE A 119 18.44 24.19 0.67
C ILE A 119 16.97 24.05 1.10
N PRO A 120 16.06 24.71 0.44
CA PRO A 120 14.61 24.57 0.84
C PRO A 120 13.89 23.37 0.21
N THR A 121 13.08 22.64 1.01
CA THR A 121 12.32 21.52 0.44
CA THR A 121 12.39 21.45 0.49
C THR A 121 11.07 21.29 1.31
N ASP A 122 10.03 20.78 0.71
CA ASP A 122 8.80 20.51 1.48
C ASP A 122 9.01 19.13 2.06
N ILE A 123 8.78 18.93 3.36
CA ILE A 123 9.01 17.69 4.02
C ILE A 123 7.72 17.23 4.63
N CYS A 124 7.31 16.00 4.26
CA CYS A 124 6.14 15.36 4.94
C CYS A 124 6.48 14.47 6.13
N ILE A 125 6.15 14.94 7.34
CA ILE A 125 6.44 14.19 8.59
C ILE A 125 5.11 13.77 9.19
N HIS A 126 4.92 12.43 9.29
CA HIS A 126 3.65 11.92 9.83
C HIS A 126 2.45 12.52 9.16
N LYS A 127 2.50 12.54 7.79
CA LYS A 127 1.44 13.05 6.95
C LYS A 127 1.20 14.53 6.94
N ARG A 128 1.99 15.34 7.64
CA ARG A 128 1.85 16.79 7.59
C ARG A 128 3.00 17.34 6.75
N THR A 129 2.68 18.17 5.73
CA THR A 129 3.80 18.74 4.93
C THR A 129 4.16 20.14 5.37
N ILE A 130 5.46 20.31 5.55
CA ILE A 130 5.96 21.57 6.17
C ILE A 130 7.11 22.04 5.28
N LYS A 131 7.11 23.31 4.92
CA LYS A 131 8.34 23.89 4.31
C LYS A 131 9.52 23.84 5.26
N MET A 132 10.61 23.21 4.84
CA MET A 132 11.79 23.03 5.74
C MET A 132 13.04 23.43 4.97
N ALA A 133 14.10 23.68 5.77
CA ALA A 133 15.44 23.72 5.27
C ALA A 133 16.13 22.42 5.47
N GLU A 134 16.84 21.93 4.44
CA GLU A 134 17.65 20.69 4.57
C GLU A 134 19.13 21.13 4.75
N VAL A 135 19.69 20.85 5.91
CA VAL A 135 21.02 21.44 6.28
C VAL A 135 22.07 20.37 5.94
N ASN A 136 23.23 20.78 5.38
CA ASN A 136 24.30 19.84 5.10
C ASN A 136 25.63 20.57 5.03
N PHE A 137 26.69 19.76 4.98
CA PHE A 137 28.09 20.25 4.78
C PHE A 137 28.54 21.20 5.84
N LEU A 138 28.04 21.01 7.08
CA LEU A 138 28.68 21.75 8.20
C LEU A 138 30.16 21.27 8.36
N CYS A 139 31.11 22.21 8.36
CA CYS A 139 32.51 21.88 8.42
C CYS A 139 33.31 23.02 9.09
N VAL A 140 34.11 22.61 10.08
CA VAL A 140 35.09 23.54 10.69
C VAL A 140 36.51 22.99 10.40
N HIS A 141 37.41 23.86 9.95
CA HIS A 141 38.82 23.44 9.72
C HIS A 141 39.35 22.60 10.91
N LYS A 142 40.18 21.57 10.60
CA LYS A 142 40.65 20.67 11.65
C LYS A 142 41.50 21.43 12.67
N THR A 143 42.08 22.55 12.25
CA THR A 143 42.92 23.34 13.22
C THR A 143 42.13 24.14 14.25
N LEU A 144 40.81 24.25 13.99
CA LEU A 144 39.94 25.18 14.78
C LEU A 144 38.87 24.40 15.49
N ARG A 145 39.09 23.11 15.75
CA ARG A 145 38.09 22.29 16.40
C ARG A 145 37.92 22.54 17.92
N SER A 146 36.69 22.36 18.38
CA SER A 146 36.32 22.43 19.80
C SER A 146 36.48 23.83 20.28
N LYS A 147 36.24 24.84 19.44
CA LYS A 147 36.28 26.25 19.88
C LYS A 147 34.88 26.85 19.83
N ARG A 148 33.86 25.99 19.74
CA ARG A 148 32.43 26.43 19.76
C ARG A 148 32.16 27.29 18.52
N LEU A 149 32.86 27.05 17.42
CA LEU A 149 32.44 27.69 16.17
C LEU A 149 31.19 27.04 15.52
N ALA A 150 30.99 25.78 15.81
CA ALA A 150 29.83 25.12 15.08
C ALA A 150 28.46 25.71 15.54
N PRO A 151 28.32 26.05 16.85
CA PRO A 151 27.06 26.72 17.32
C PRO A 151 26.88 28.06 16.65
N VAL A 152 27.99 28.71 16.35
CA VAL A 152 27.83 30.00 15.65
C VAL A 152 27.29 29.85 14.23
N LEU A 153 27.88 28.92 13.48
CA LEU A 153 27.38 28.62 12.13
C LEU A 153 25.89 28.15 12.23
N ILE A 154 25.55 27.29 13.18
CA ILE A 154 24.19 26.79 13.24
C ILE A 154 23.25 27.97 13.59
N LYS A 155 23.54 28.81 14.61
CA LYS A 155 22.67 29.94 14.90
C LYS A 155 22.57 30.93 13.73
N GLU A 156 23.66 31.15 12.99
CA GLU A 156 23.59 32.14 11.89
C GLU A 156 22.69 31.50 10.74
N ILE A 157 22.88 30.22 10.39
CA ILE A 157 22.02 29.72 9.32
C ILE A 157 20.57 29.70 9.77
N THR A 158 20.36 29.37 11.03
CA THR A 158 18.95 29.31 11.54
C THR A 158 18.31 30.71 11.38
N ARG A 159 19.08 31.77 11.69
CA ARG A 159 18.63 33.19 11.48
C ARG A 159 18.23 33.47 10.03
N ARG A 160 19.10 33.09 9.12
CA ARG A 160 18.82 33.34 7.67
C ARG A 160 17.64 32.49 7.11
N ILE A 161 17.46 31.31 7.67
CA ILE A 161 16.34 30.46 7.24
C ILE A 161 15.07 31.14 7.80
N ASN A 162 15.09 31.56 9.07
CA ASN A 162 13.89 32.20 9.71
C ASN A 162 13.48 33.46 8.97
N LEU A 163 14.45 34.09 8.30
CA LEU A 163 14.15 35.37 7.56
C LEU A 163 13.26 35.02 6.39
N GLU A 164 13.24 33.76 5.95
CA GLU A 164 12.39 33.31 4.79
C GLU A 164 11.09 32.72 5.28
N ASN A 165 10.73 33.01 6.57
CA ASN A 165 9.55 32.47 7.22
C ASN A 165 9.51 30.92 7.25
N ILE A 166 10.70 30.30 7.38
CA ILE A 166 10.84 28.83 7.55
C ILE A 166 11.36 28.61 8.97
N TRP A 167 10.74 27.66 9.66
CA TRP A 167 10.93 27.48 11.11
C TRP A 167 11.23 26.08 11.50
N GLN A 168 11.43 25.20 10.50
CA GLN A 168 11.79 23.84 10.75
C GLN A 168 12.92 23.43 9.83
N ALA A 169 13.66 22.41 10.23
CA ALA A 169 14.75 21.92 9.33
C ALA A 169 14.86 20.41 9.47
N ILE A 170 15.55 19.83 8.51
CA ILE A 170 15.89 18.40 8.59
C ILE A 170 17.41 18.27 8.41
N TYR A 171 18.01 17.39 9.18
CA TYR A 171 19.46 17.13 9.05
C TYR A 171 19.82 15.74 9.55
N THR A 172 20.99 15.20 9.16
CA THR A 172 21.42 13.88 9.59
C THR A 172 22.80 13.98 10.12
N ALA A 173 23.18 13.07 11.01
CA ALA A 173 24.59 13.09 11.41
C ALA A 173 24.88 11.75 11.98
N GLY A 174 26.15 11.38 11.89
CA GLY A 174 26.60 10.16 12.60
C GLY A 174 26.69 10.27 14.10
N VAL A 175 26.87 11.47 14.63
CA VAL A 175 26.95 11.64 16.10
C VAL A 175 25.55 11.68 16.68
N TYR A 176 25.40 11.19 17.90
CA TYR A 176 24.14 11.28 18.61
C TYR A 176 23.94 12.68 19.16
N LEU A 177 22.81 13.30 18.86
CA LEU A 177 22.48 14.60 19.37
C LEU A 177 21.04 14.51 19.85
N PRO A 178 20.58 15.55 20.58
CA PRO A 178 19.13 15.49 20.97
C PRO A 178 18.28 15.88 19.76
N LYS A 179 17.31 15.05 19.31
CA LYS A 179 17.12 13.65 19.65
C LYS A 179 16.64 13.02 18.29
N PRO A 180 17.20 11.85 17.92
CA PRO A 180 16.81 11.37 16.59
C PRO A 180 15.36 11.07 16.43
N VAL A 181 14.78 11.45 15.28
CA VAL A 181 13.46 10.89 14.94
C VAL A 181 13.57 9.41 14.38
N SER A 182 14.73 9.05 13.85
CA SER A 182 14.98 7.68 13.38
C SER A 182 16.52 7.51 13.26
N ASP A 183 16.99 6.26 13.19
CA ASP A 183 18.45 5.99 13.24
C ASP A 183 18.61 4.78 12.27
N ALA A 184 19.44 4.96 11.24
CA ALA A 184 19.56 3.92 10.21
C ALA A 184 21.04 3.48 10.02
N ARG A 185 21.33 2.20 10.31
CA ARG A 185 22.70 1.67 9.99
C ARG A 185 22.95 1.71 8.47
N TYR A 186 24.22 1.92 8.09
CA TYR A 186 24.73 1.75 6.74
C TYR A 186 25.32 0.40 6.50
N TYR A 187 25.09 -0.06 5.30
CA TYR A 187 25.65 -1.36 4.75
C TYR A 187 26.34 -1.14 3.48
N HIS A 188 27.27 -2.02 3.11
CA HIS A 188 28.01 -1.79 1.86
C HIS A 188 27.99 -3.11 1.06
N ARG A 189 28.08 -3.00 -0.23
CA ARG A 189 28.18 -4.16 -1.09
C ARG A 189 29.44 -4.01 -1.87
N SER A 190 30.39 -4.91 -1.65
CA SER A 190 31.69 -4.88 -2.40
C SER A 190 31.51 -5.16 -3.83
N ILE A 191 32.07 -4.30 -4.67
CA ILE A 191 32.18 -4.50 -6.12
C ILE A 191 33.61 -4.84 -6.55
N ASN A 192 34.59 -3.99 -6.24
CA ASN A 192 36.02 -4.31 -6.54
CA ASN A 192 36.01 -4.26 -6.53
C ASN A 192 36.67 -4.79 -5.26
N VAL A 193 36.50 -6.06 -5.00
CA VAL A 193 36.83 -6.87 -3.81
CA VAL A 193 36.78 -6.60 -3.64
C VAL A 193 38.29 -6.58 -3.41
N LYS A 194 39.15 -6.79 -4.42
CA LYS A 194 40.55 -6.79 -4.11
C LYS A 194 41.02 -5.39 -3.68
N LYS A 195 40.57 -4.36 -4.40
CA LYS A 195 40.90 -3.02 -4.00
C LYS A 195 40.40 -2.69 -2.58
N LEU A 196 39.17 -3.16 -2.26
CA LEU A 196 38.59 -2.88 -0.93
C LEU A 196 39.43 -3.56 0.14
N ILE A 197 39.96 -4.74 -0.16
N ILE A 197 39.94 -4.76 -0.09
CA ILE A 197 40.90 -5.43 0.75
CA ILE A 197 40.84 -5.39 0.90
C ILE A 197 42.20 -4.64 0.90
C ILE A 197 42.23 -4.67 0.93
N GLU A 198 42.82 -4.32 -0.23
CA GLU A 198 44.12 -3.63 -0.26
C GLU A 198 44.11 -2.30 0.50
N ILE A 199 43.01 -1.56 0.41
CA ILE A 199 42.93 -0.24 1.12
C ILE A 199 42.48 -0.34 2.55
N GLY A 200 42.18 -1.54 3.07
CA GLY A 200 41.72 -1.81 4.42
C GLY A 200 40.23 -1.56 4.69
N PHE A 201 39.42 -1.40 3.64
CA PHE A 201 37.93 -1.27 3.75
C PHE A 201 37.34 -2.62 4.16
N SER A 202 37.77 -3.73 3.51
CA SER A 202 37.27 -5.08 3.81
C SER A 202 38.38 -6.01 4.23
N SER A 203 37.99 -7.18 4.74
CA SER A 203 39.00 -8.15 5.10
C SER A 203 38.68 -9.57 4.58
N LEU A 204 39.65 -10.47 4.75
CA LEU A 204 39.64 -11.87 4.30
C LEU A 204 39.88 -12.75 5.51
N ASN A 205 39.61 -14.06 5.41
CA ASN A 205 40.04 -15.07 6.42
C ASN A 205 40.38 -16.41 5.74
N SER A 206 40.82 -17.42 6.52
CA SER A 206 41.34 -18.69 5.95
C SER A 206 40.25 -19.47 5.21
N ARG A 207 39.02 -19.27 5.70
CA ARG A 207 37.72 -19.64 5.13
C ARG A 207 37.31 -18.78 3.92
N LEU A 208 37.62 -17.47 3.93
CA LEU A 208 37.46 -16.60 2.73
C LEU A 208 38.82 -16.11 2.20
N THR A 209 39.37 -16.88 1.22
CA THR A 209 40.64 -16.52 0.56
C THR A 209 40.33 -15.41 -0.46
N MET A 210 41.37 -14.78 -0.99
CA MET A 210 41.12 -13.73 -2.00
C MET A 210 40.29 -14.25 -3.15
N SER A 211 40.66 -15.39 -3.73
CA SER A 211 39.90 -15.83 -4.91
C SER A 211 38.43 -16.11 -4.51
N ARG A 212 38.24 -16.68 -3.34
CA ARG A 212 36.85 -16.98 -2.90
C ARG A 212 36.03 -15.76 -2.68
N ALA A 213 36.66 -14.70 -2.16
CA ALA A 213 36.02 -13.40 -2.00
C ALA A 213 35.64 -12.80 -3.35
N ILE A 214 36.54 -12.89 -4.33
CA ILE A 214 36.23 -12.34 -5.65
C ILE A 214 35.04 -13.14 -6.22
N LYS A 215 35.07 -14.48 -6.10
CA LYS A 215 33.92 -15.30 -6.61
C LYS A 215 32.64 -14.94 -5.85
N LEU A 216 32.71 -14.68 -4.55
CA LEU A 216 31.50 -14.38 -3.78
C LEU A 216 30.81 -13.09 -4.21
N TYR A 217 31.61 -12.14 -4.63
CA TYR A 217 31.05 -10.86 -5.02
C TYR A 217 30.88 -10.66 -6.50
N ARG A 218 31.18 -11.70 -7.30
CA ARG A 218 31.11 -11.59 -8.76
C ARG A 218 29.66 -11.39 -9.16
N VAL A 219 29.42 -10.46 -10.09
CA VAL A 219 28.03 -10.22 -10.56
C VAL A 219 27.88 -10.55 -12.10
N GLU A 220 26.71 -11.08 -12.49
CA GLU A 220 26.44 -11.36 -13.91
C GLU A 220 26.24 -10.01 -14.58
N ASP A 221 26.91 -9.79 -15.70
CA ASP A 221 26.71 -8.56 -16.45
C ASP A 221 25.41 -8.52 -17.32
N THR A 222 24.26 -8.89 -16.77
CA THR A 222 22.96 -8.84 -17.47
C THR A 222 21.90 -8.33 -16.52
N LEU A 223 21.10 -7.36 -16.95
CA LEU A 223 20.05 -6.78 -16.15
C LEU A 223 18.87 -7.70 -16.02
N ASN A 224 18.31 -7.75 -14.82
CA ASN A 224 17.00 -8.39 -14.63
C ASN A 224 15.93 -7.67 -15.41
N ILE A 225 16.00 -6.34 -15.44
CA ILE A 225 15.02 -5.49 -16.13
C ILE A 225 15.77 -4.96 -17.38
N LYS A 226 15.51 -5.65 -18.54
CA LYS A 226 16.38 -5.46 -19.73
CA LYS A 226 16.45 -5.42 -19.64
C LYS A 226 16.41 -4.03 -20.26
N ASN A 227 15.30 -3.29 -20.17
CA ASN A 227 15.26 -1.97 -20.81
C ASN A 227 15.60 -0.81 -19.80
N MET A 228 16.13 -1.14 -18.62
CA MET A 228 16.62 -0.09 -17.70
CA MET A 228 16.67 -0.08 -17.71
C MET A 228 17.67 0.77 -18.44
N ARG A 229 17.39 2.08 -18.56
CA ARG A 229 18.22 2.94 -19.34
C ARG A 229 18.40 4.26 -18.68
N LEU A 230 19.42 5.03 -19.08
CA LEU A 230 19.59 6.35 -18.40
C LEU A 230 18.30 7.20 -18.54
N MET A 231 17.91 7.86 -17.45
CA MET A 231 16.84 8.84 -17.49
C MET A 231 17.14 10.02 -18.42
N LYS A 232 16.09 10.46 -19.07
CA LYS A 232 16.13 11.64 -19.97
C LYS A 232 15.02 12.64 -19.55
N LYS A 233 15.06 13.85 -20.14
CA LYS A 233 14.06 14.91 -19.80
C LYS A 233 12.63 14.46 -20.04
N LYS A 234 12.43 13.61 -21.08
CA LYS A 234 11.07 13.13 -21.31
C LYS A 234 10.50 12.29 -20.16
N ASP A 235 11.33 11.72 -19.32
CA ASP A 235 10.87 10.86 -18.27
C ASP A 235 10.49 11.60 -16.94
N VAL A 236 10.69 12.89 -16.89
CA VAL A 236 10.45 13.65 -15.67
C VAL A 236 9.02 13.41 -15.12
N GLU A 237 7.98 13.53 -15.98
CA GLU A 237 6.60 13.36 -15.50
C GLU A 237 6.40 11.98 -14.95
N GLY A 238 6.90 10.98 -15.70
CA GLY A 238 6.79 9.62 -15.25
C GLY A 238 7.45 9.32 -13.98
N VAL A 239 8.67 9.83 -13.75
CA VAL A 239 9.40 9.57 -12.47
C VAL A 239 8.68 10.30 -11.33
N HIS A 240 8.20 11.48 -11.61
CA HIS A 240 7.44 12.24 -10.59
C HIS A 240 6.24 11.40 -10.11
N LYS A 241 5.46 10.80 -11.01
CA LYS A 241 4.38 9.91 -10.60
C LYS A 241 4.83 8.66 -9.88
N LEU A 242 5.87 7.93 -10.43
CA LEU A 242 6.23 6.66 -9.86
C LEU A 242 6.82 6.89 -8.47
N LEU A 243 7.81 7.78 -8.38
CA LEU A 243 8.46 7.96 -7.03
C LEU A 243 7.46 8.64 -6.09
N GLY A 244 6.80 9.69 -6.55
CA GLY A 244 5.76 10.39 -5.70
C GLY A 244 4.78 9.43 -5.11
N SER A 245 4.26 8.52 -5.93
CA SER A 245 3.27 7.63 -5.35
C SER A 245 3.87 6.71 -4.32
N TYR A 246 5.10 6.25 -4.62
CA TYR A 246 5.77 5.32 -3.67
C TYR A 246 6.08 5.98 -2.31
N LEU A 247 6.51 7.20 -2.35
CA LEU A 247 7.04 7.87 -1.15
C LEU A 247 5.90 8.13 -0.16
N GLU A 248 4.65 8.20 -0.65
CA GLU A 248 3.53 8.61 0.28
C GLU A 248 3.31 7.64 1.45
N GLN A 249 3.87 6.43 1.35
CA GLN A 249 3.67 5.42 2.40
C GLN A 249 4.56 5.76 3.62
N PHE A 250 5.57 6.59 3.49
CA PHE A 250 6.58 6.70 4.60
C PHE A 250 6.20 7.78 5.58
N ASN A 251 6.79 7.66 6.77
CA ASN A 251 6.51 8.58 7.88
C ASN A 251 7.31 9.87 7.64
N LEU A 252 8.34 9.85 6.76
CA LEU A 252 9.11 11.05 6.58
C LEU A 252 9.58 11.08 5.16
N TYR A 253 9.27 12.11 4.36
CA TYR A 253 9.80 12.04 2.96
C TYR A 253 9.69 13.45 2.39
N ALA A 254 10.47 13.76 1.34
CA ALA A 254 10.36 15.03 0.58
C ALA A 254 9.19 14.90 -0.36
N VAL A 255 8.46 16.01 -0.51
CA VAL A 255 7.34 16.09 -1.43
C VAL A 255 7.87 16.79 -2.69
N PHE A 256 8.31 16.02 -3.69
CA PHE A 256 9.02 16.65 -4.85
C PHE A 256 8.06 17.28 -5.86
N THR A 257 8.35 18.48 -6.31
CA THR A 257 7.65 18.98 -7.49
C THR A 257 8.29 18.37 -8.76
N LYS A 258 7.66 18.57 -9.92
CA LYS A 258 8.31 18.13 -11.20
C LYS A 258 9.66 18.78 -11.44
N GLU A 259 9.76 20.09 -11.17
CA GLU A 259 11.07 20.79 -11.26
C GLU A 259 12.13 20.19 -10.34
N GLU A 260 11.68 19.77 -9.15
CA GLU A 260 12.64 19.11 -8.24
C GLU A 260 13.08 17.73 -8.80
N ILE A 261 12.09 16.97 -9.34
CA ILE A 261 12.46 15.66 -9.96
C ILE A 261 13.47 15.84 -11.07
N ALA A 262 13.31 16.89 -11.91
CA ALA A 262 14.32 17.07 -12.93
C ALA A 262 15.70 17.38 -12.36
N HIS A 263 15.69 18.25 -11.36
CA HIS A 263 17.01 18.55 -10.74
C HIS A 263 17.65 17.41 -10.08
N TRP A 264 16.89 16.75 -9.26
CA TRP A 264 17.48 15.70 -8.38
C TRP A 264 17.83 14.41 -9.12
N PHE A 265 17.15 14.12 -10.22
CA PHE A 265 17.35 12.88 -10.95
C PHE A 265 17.93 12.92 -12.35
N LEU A 266 17.80 13.99 -13.13
CA LEU A 266 18.42 13.90 -14.43
C LEU A 266 19.91 13.71 -14.36
N PRO A 267 20.46 12.79 -15.14
CA PRO A 267 21.83 12.31 -14.83
C PRO A 267 22.90 13.32 -15.09
N ILE A 268 23.93 13.34 -14.24
CA ILE A 268 25.17 14.14 -14.44
C ILE A 268 26.32 13.21 -14.14
N GLU A 269 27.23 13.05 -15.13
CA GLU A 269 28.32 12.09 -15.04
CA GLU A 269 28.33 12.08 -15.04
C GLU A 269 29.14 12.41 -13.80
N ASN A 270 29.54 11.36 -13.05
CA ASN A 270 30.32 11.51 -11.79
C ASN A 270 29.57 12.25 -10.72
N VAL A 271 28.24 12.39 -10.85
CA VAL A 271 27.45 13.02 -9.77
C VAL A 271 26.20 12.22 -9.42
N ILE A 272 25.27 12.09 -10.35
CA ILE A 272 23.97 11.39 -10.12
C ILE A 272 23.61 10.52 -11.31
N TYR A 273 23.25 9.29 -11.00
CA TYR A 273 22.91 8.28 -11.99
C TYR A 273 21.44 7.86 -11.76
N THR A 274 20.54 8.05 -12.76
CA THR A 274 19.17 7.52 -12.62
C THR A 274 18.87 6.73 -13.86
N TYR A 275 18.36 5.57 -13.65
CA TYR A 275 17.97 4.70 -14.79
C TYR A 275 16.44 4.44 -14.64
N VAL A 276 15.76 4.24 -15.75
CA VAL A 276 14.31 4.02 -15.70
C VAL A 276 13.93 2.83 -16.63
N ASN A 277 12.81 2.15 -16.34
CA ASN A 277 12.24 1.17 -17.29
C ASN A 277 10.88 1.72 -17.74
N GLU A 278 10.83 2.08 -19.03
CA GLU A 278 9.57 2.59 -19.64
C GLU A 278 8.88 1.45 -20.38
N GLU A 279 7.58 1.30 -20.11
CA GLU A 279 6.76 0.29 -20.74
CA GLU A 279 6.76 0.26 -20.72
C GLU A 279 5.48 0.97 -21.16
N ASN A 280 5.14 0.93 -22.45
CA ASN A 280 3.90 1.71 -22.87
C ASN A 280 3.88 3.21 -22.47
N GLY A 281 4.98 3.94 -22.59
CA GLY A 281 4.93 5.35 -22.29
C GLY A 281 4.83 5.57 -20.81
N LYS A 282 4.79 4.51 -19.99
CA LYS A 282 4.82 4.74 -18.55
C LYS A 282 6.17 4.37 -17.87
N ILE A 283 6.63 5.18 -16.92
CA ILE A 283 7.85 4.78 -16.14
C ILE A 283 7.41 3.79 -15.04
N LYS A 284 7.84 2.53 -15.10
CA LYS A 284 7.38 1.48 -14.16
C LYS A 284 8.37 1.09 -13.11
N ASP A 285 9.65 1.41 -13.37
CA ASP A 285 10.72 1.13 -12.37
C ASP A 285 11.82 2.16 -12.50
N MET A 286 12.54 2.45 -11.41
CA MET A 286 13.58 3.41 -11.44
C MET A 286 14.64 3.00 -10.43
N ILE A 287 15.89 3.30 -10.76
CA ILE A 287 17.09 3.08 -9.88
C ILE A 287 17.88 4.38 -9.87
N SER A 288 18.42 4.80 -8.74
CA SER A 288 19.23 6.01 -8.72
C SER A 288 20.26 5.91 -7.59
N PHE A 289 21.44 6.42 -7.93
CA PHE A 289 22.56 6.41 -6.98
C PHE A 289 23.42 7.58 -7.30
N TYR A 290 24.08 8.12 -6.24
CA TYR A 290 24.96 9.25 -6.48
C TYR A 290 26.39 8.93 -6.17
N SER A 291 27.32 9.69 -6.71
CA SER A 291 28.80 9.44 -6.55
C SER A 291 29.34 10.20 -5.35
N LEU A 292 29.94 9.48 -4.39
CA LEU A 292 30.60 10.15 -3.23
C LEU A 292 31.88 9.40 -3.00
N PRO A 293 32.93 9.89 -3.60
CA PRO A 293 34.23 9.22 -3.40
C PRO A 293 34.81 9.61 -2.06
N SER A 294 35.66 8.73 -1.52
CA SER A 294 36.50 9.14 -0.43
C SER A 294 37.96 9.11 -0.78
N GLN A 295 38.68 10.09 -0.30
CA GLN A 295 40.11 10.09 -0.30
C GLN A 295 40.65 9.02 0.63
N ILE A 296 41.62 8.28 0.08
CA ILE A 296 42.23 7.20 0.86
C ILE A 296 43.51 7.80 1.49
N LEU A 297 43.48 7.99 2.79
CA LEU A 297 44.56 8.73 3.45
C LEU A 297 45.91 7.96 3.46
N GLY A 298 46.93 8.62 2.95
CA GLY A 298 48.27 8.07 2.89
C GLY A 298 48.31 6.69 2.24
N ASN A 299 47.69 6.51 1.06
CA ASN A 299 47.86 5.24 0.35
C ASN A 299 48.70 5.47 -0.91
N ASP A 300 49.61 4.56 -1.13
CA ASP A 300 50.60 4.62 -2.19
C ASP A 300 49.93 4.33 -3.56
N LYS A 301 49.08 3.30 -3.61
CA LYS A 301 48.59 2.79 -4.85
C LYS A 301 47.35 3.52 -5.30
N TYR A 302 46.45 3.74 -4.35
CA TYR A 302 45.14 4.26 -4.66
C TYR A 302 44.99 5.56 -3.93
N SER A 303 44.53 6.54 -4.66
CA SER A 303 44.18 7.77 -4.00
C SER A 303 42.69 7.87 -3.64
N THR A 304 41.81 7.20 -4.38
CA THR A 304 40.33 7.39 -4.18
C THR A 304 39.58 6.08 -4.18
N LEU A 305 38.61 6.00 -3.25
CA LEU A 305 37.65 4.98 -3.19
C LEU A 305 36.40 5.50 -3.93
N ASN A 306 36.04 4.95 -5.10
N ASN A 306 35.99 4.79 -4.98
CA ASN A 306 34.87 5.46 -5.84
CA ASN A 306 34.90 5.21 -5.85
C ASN A 306 33.68 4.67 -5.38
C ASN A 306 33.67 4.56 -5.28
N ALA A 307 32.76 5.36 -4.71
CA ALA A 307 31.60 4.76 -4.01
C ALA A 307 30.30 5.31 -4.56
N ALA A 308 29.34 4.40 -4.84
CA ALA A 308 28.00 4.77 -5.20
C ALA A 308 27.12 4.68 -3.95
N TYR A 309 26.24 5.66 -3.75
CA TYR A 309 25.35 5.67 -2.62
C TYR A 309 23.90 5.57 -3.12
N SER A 310 23.15 4.59 -2.64
CA SER A 310 21.75 4.36 -3.11
C SER A 310 20.95 5.57 -2.74
N PHE A 311 20.11 6.01 -3.71
CA PHE A 311 19.34 7.21 -3.53
C PHE A 311 17.86 6.86 -3.52
N TYR A 312 17.12 6.79 -4.64
CA TYR A 312 15.73 6.32 -4.58
C TYR A 312 15.55 5.22 -5.66
N ASN A 313 14.90 4.12 -5.27
CA ASN A 313 14.72 2.96 -6.12
C ASN A 313 13.28 2.48 -5.97
N VAL A 314 12.57 2.23 -7.08
CA VAL A 314 11.17 1.81 -7.01
C VAL A 314 10.99 0.77 -8.12
N THR A 315 10.31 -0.29 -7.74
CA THR A 315 9.90 -1.30 -8.74
C THR A 315 8.40 -1.63 -8.69
N THR A 316 7.83 -1.84 -9.85
CA THR A 316 6.52 -2.38 -9.96
C THR A 316 6.50 -3.54 -10.96
N THR A 317 7.56 -3.82 -11.70
CA THR A 317 7.55 -5.02 -12.59
C THR A 317 8.58 -6.12 -12.20
N ALA A 318 9.30 -5.90 -11.11
CA ALA A 318 10.24 -6.90 -10.64
C ALA A 318 10.21 -6.97 -9.15
N THR A 319 10.95 -7.88 -8.55
CA THR A 319 11.09 -7.79 -7.09
C THR A 319 12.04 -6.68 -6.62
N PHE A 320 11.93 -6.24 -5.36
CA PHE A 320 12.88 -5.26 -4.88
C PHE A 320 14.27 -5.82 -4.95
N LYS A 321 14.38 -7.15 -4.68
CA LYS A 321 15.71 -7.73 -4.74
C LYS A 321 16.27 -7.70 -6.13
N GLN A 322 15.44 -8.03 -7.12
CA GLN A 322 15.87 -7.92 -8.54
C GLN A 322 16.25 -6.53 -8.91
N LEU A 323 15.51 -5.53 -8.37
CA LEU A 323 15.77 -4.15 -8.76
C LEU A 323 17.16 -3.68 -8.20
N MET A 324 17.41 -4.04 -6.94
CA MET A 324 18.64 -3.65 -6.24
C MET A 324 19.86 -4.46 -6.79
N GLN A 325 19.60 -5.70 -7.28
CA GLN A 325 20.67 -6.42 -8.02
CA GLN A 325 20.71 -6.43 -8.03
C GLN A 325 21.10 -5.64 -9.28
N ASP A 326 20.11 -5.18 -10.02
CA ASP A 326 20.36 -4.29 -11.17
C ASP A 326 21.04 -2.97 -10.76
N ALA A 327 20.70 -2.41 -9.57
CA ALA A 327 21.39 -1.21 -9.13
C ALA A 327 22.91 -1.44 -8.89
N ILE A 328 23.25 -2.52 -8.20
CA ILE A 328 24.65 -2.93 -8.07
C ILE A 328 25.29 -3.13 -9.42
N LEU A 329 24.64 -3.80 -10.38
CA LEU A 329 25.28 -3.98 -11.68
C LEU A 329 25.52 -2.63 -12.39
N LEU A 330 24.51 -1.72 -12.35
CA LEU A 330 24.67 -0.44 -13.03
C LEU A 330 25.81 0.36 -12.35
N ALA A 331 25.98 0.23 -11.03
CA ALA A 331 27.08 0.92 -10.33
C ALA A 331 28.41 0.28 -10.79
N LYS A 332 28.42 -1.05 -10.98
CA LYS A 332 29.66 -1.75 -11.43
C LYS A 332 30.03 -1.28 -12.83
N ARG A 333 29.01 -1.17 -13.68
CA ARG A 333 29.22 -0.69 -15.06
C ARG A 333 29.74 0.69 -15.10
N ASN A 334 29.54 1.49 -14.05
CA ASN A 334 30.05 2.86 -14.06
C ASN A 334 31.29 2.99 -13.20
N ASN A 335 32.03 1.89 -13.01
N ASN A 335 32.00 1.88 -13.04
CA ASN A 335 33.36 1.95 -12.42
CA ASN A 335 33.29 1.85 -12.38
C ASN A 335 33.43 2.13 -10.90
C ASN A 335 33.29 2.39 -10.94
N PHE A 336 32.29 1.91 -10.19
CA PHE A 336 32.28 2.11 -8.72
C PHE A 336 32.87 0.92 -8.04
N ASP A 337 33.54 1.12 -6.89
CA ASP A 337 34.22 0.04 -6.16
C ASP A 337 33.31 -0.62 -5.18
N VAL A 338 32.27 0.12 -4.74
CA VAL A 338 31.41 -0.36 -3.66
C VAL A 338 30.07 0.37 -3.80
N PHE A 339 29.01 -0.31 -3.38
CA PHE A 339 27.64 0.28 -3.34
C PHE A 339 27.15 0.34 -1.93
N ASN A 340 26.81 1.56 -1.43
CA ASN A 340 26.51 1.81 -0.06
C ASN A 340 25.00 2.13 0.03
N ALA A 341 24.43 1.71 1.13
CA ALA A 341 22.98 2.00 1.30
C ALA A 341 22.64 2.04 2.76
N LEU A 342 21.60 2.79 3.11
CA LEU A 342 21.05 2.78 4.50
C LEU A 342 19.84 1.86 4.64
N GLU A 343 19.63 1.34 5.88
CA GLU A 343 18.45 0.54 6.15
C GLU A 343 17.14 1.35 6.18
N VAL A 344 16.89 2.17 5.14
CA VAL A 344 15.66 2.95 4.94
C VAL A 344 14.79 2.37 3.84
N MET A 345 13.56 2.82 3.74
CA MET A 345 12.62 2.30 2.76
C MET A 345 12.63 0.77 2.78
N GLN A 346 12.69 0.10 1.65
CA GLN A 346 12.74 -1.41 1.63
C GLN A 346 14.14 -1.95 1.63
N ASN A 347 15.18 -1.15 1.92
CA ASN A 347 16.51 -1.62 1.54
C ASN A 347 16.94 -2.85 2.37
N LYS A 348 16.62 -2.82 3.69
CA LYS A 348 17.23 -3.82 4.57
C LYS A 348 16.79 -5.21 4.08
N SER A 349 15.61 -5.32 3.49
CA SER A 349 15.09 -6.63 3.01
C SER A 349 15.98 -7.31 1.98
N VAL A 350 16.90 -6.58 1.28
CA VAL A 350 17.72 -7.22 0.22
C VAL A 350 19.16 -7.41 0.71
N PHE A 351 19.51 -6.85 1.87
CA PHE A 351 20.95 -6.83 2.24
C PHE A 351 21.62 -8.22 2.38
N GLU A 352 20.91 -9.14 2.99
CA GLU A 352 21.44 -10.50 3.16
C GLU A 352 21.60 -11.22 1.83
N ASP A 353 20.54 -11.30 1.03
CA ASP A 353 20.57 -12.01 -0.17
C ASP A 353 21.56 -11.43 -1.17
N LEU A 354 21.67 -10.10 -1.21
CA LEU A 354 22.59 -9.38 -2.12
C LEU A 354 24.01 -9.21 -1.61
N LYS A 355 24.36 -9.93 -0.55
CA LYS A 355 25.77 -9.94 -0.07
CA LYS A 355 25.71 -9.96 0.06
C LYS A 355 26.24 -8.58 0.48
N PHE A 356 25.34 -7.74 1.04
CA PHE A 356 25.81 -6.53 1.75
C PHE A 356 26.47 -6.88 3.10
N GLY A 357 27.47 -6.11 3.47
CA GLY A 357 27.98 -6.26 4.82
C GLY A 357 27.50 -5.08 5.67
N GLU A 358 27.22 -5.36 6.90
CA GLU A 358 26.95 -4.26 7.89
C GLU A 358 28.13 -3.37 8.16
N GLY A 359 27.96 -2.03 8.22
CA GLY A 359 29.08 -1.18 8.55
C GLY A 359 29.30 -1.02 10.05
N ASP A 360 30.01 0.07 10.38
CA ASP A 360 30.39 0.33 11.76
C ASP A 360 29.57 1.33 12.60
N GLY A 361 28.52 1.90 12.03
CA GLY A 361 27.64 2.70 12.92
C GLY A 361 26.39 3.03 12.16
N SER A 362 25.81 4.21 12.53
CA SER A 362 24.51 4.53 11.99
C SER A 362 24.42 5.99 11.66
N LEU A 363 23.47 6.33 10.80
CA LEU A 363 23.16 7.72 10.48
C LEU A 363 21.85 8.08 11.18
N LYS A 364 21.93 9.14 12.02
CA LYS A 364 20.71 9.56 12.78
C LYS A 364 19.98 10.61 11.96
N TYR A 365 18.66 10.57 11.94
CA TYR A 365 17.89 11.60 11.27
C TYR A 365 17.25 12.54 12.33
N TYR A 366 17.20 13.84 12.06
CA TYR A 366 16.78 14.85 13.03
C TYR A 366 15.92 15.87 12.41
N LEU A 367 14.99 16.40 13.25
CA LEU A 367 14.23 17.61 12.83
C LEU A 367 14.55 18.66 13.84
N TYR A 368 14.53 19.89 13.34
CA TYR A 368 14.69 21.09 14.25
C TYR A 368 13.30 21.73 14.37
N ASN A 369 12.99 22.06 15.63
CA ASN A 369 11.70 22.66 15.98
C ASN A 369 10.48 21.80 15.61
N TRP A 370 10.58 20.48 15.89
CA TRP A 370 9.43 19.60 15.57
C TRP A 370 9.34 18.50 16.59
N LYS A 371 8.16 18.33 17.21
CA LYS A 371 7.88 17.33 18.29
C LYS A 371 7.02 16.25 17.60
N CYS A 372 7.49 14.98 17.68
CA CYS A 372 6.74 13.88 17.06
C CYS A 372 7.27 12.55 17.57
N ALA A 373 6.51 11.48 17.33
CA ALA A 373 7.03 10.13 17.64
C ALA A 373 8.18 9.76 16.76
N SER A 374 9.12 9.03 17.31
CA SER A 374 10.18 8.49 16.50
C SER A 374 9.70 7.17 15.88
N PHE A 375 10.50 6.65 14.94
CA PHE A 375 10.04 5.43 14.23
C PHE A 375 11.23 4.67 13.66
N ALA A 376 11.01 3.37 13.36
CA ALA A 376 12.04 2.52 12.76
C ALA A 376 12.46 3.02 11.38
N PRO A 377 13.71 2.75 10.99
CA PRO A 377 14.23 3.46 9.76
C PRO A 377 13.58 2.86 8.48
N ALA A 378 12.91 1.70 8.54
CA ALA A 378 12.19 1.28 7.33
C ALA A 378 11.06 2.28 6.97
N HIS A 379 10.63 3.09 7.98
CA HIS A 379 9.58 4.11 7.72
C HIS A 379 10.15 5.42 7.28
N VAL A 380 11.50 5.55 7.22
CA VAL A 380 12.12 6.72 6.60
C VAL A 380 12.11 6.60 5.12
N GLY A 381 11.62 7.68 4.47
CA GLY A 381 11.59 7.75 2.96
C GLY A 381 12.28 8.91 2.33
N ILE A 382 13.36 9.34 3.00
CA ILE A 382 14.22 10.40 2.45
C ILE A 382 15.65 10.02 2.65
N VAL A 383 16.48 10.35 1.69
CA VAL A 383 17.94 10.12 1.78
C VAL A 383 18.63 11.44 1.49
N LEU A 384 19.41 11.93 2.47
CA LEU A 384 20.14 13.21 2.23
CA LEU A 384 20.14 13.19 2.30
C LEU A 384 21.52 12.93 1.71
N LEU A 385 22.14 13.97 1.14
CA LEU A 385 23.40 13.69 0.37
C LEU A 385 24.61 13.52 1.31
N MET B 1 19.12 -28.68 -0.62
CA MET B 1 18.35 -29.90 -0.25
C MET B 1 17.30 -30.28 -1.30
N ASP B 2 16.76 -31.50 -1.27
CA ASP B 2 15.96 -32.00 -2.41
C ASP B 2 14.45 -31.68 -2.37
N TYR B 3 13.89 -31.61 -1.17
CA TYR B 3 12.43 -31.40 -1.06
C TYR B 3 11.55 -32.31 -1.92
N LYS B 4 11.77 -33.61 -1.75
CA LYS B 4 11.06 -34.61 -2.58
C LYS B 4 9.53 -34.58 -2.35
N PHE B 5 9.12 -34.23 -1.12
CA PHE B 5 7.71 -34.13 -0.85
C PHE B 5 7.20 -32.74 -1.23
N TRP B 6 7.91 -31.72 -0.75
CA TRP B 6 7.40 -30.39 -0.98
C TRP B 6 7.34 -30.00 -2.39
N TYR B 7 8.25 -30.50 -3.25
CA TYR B 7 8.12 -30.10 -4.66
C TYR B 7 6.91 -30.69 -5.44
N THR B 8 6.25 -31.71 -4.85
CA THR B 8 5.01 -32.19 -5.41
C THR B 8 3.81 -31.28 -5.02
N GLN B 9 4.00 -30.29 -4.13
CA GLN B 9 2.88 -29.50 -3.60
C GLN B 9 2.84 -28.13 -4.32
N PRO B 10 1.66 -27.46 -4.26
CA PRO B 10 1.52 -26.12 -4.83
C PRO B 10 2.09 -25.06 -3.84
N VAL B 11 3.42 -25.00 -3.78
CA VAL B 11 4.16 -24.01 -3.02
C VAL B 11 5.26 -23.55 -4.01
N PRO B 12 5.90 -22.44 -3.75
CA PRO B 12 6.96 -21.92 -4.65
C PRO B 12 8.18 -22.87 -4.64
N LYS B 13 8.84 -23.02 -5.80
CA LYS B 13 10.19 -23.58 -5.76
C LYS B 13 11.15 -22.65 -5.08
N ILE B 14 12.26 -23.22 -4.60
CA ILE B 14 13.31 -22.48 -3.83
C ILE B 14 13.77 -21.23 -4.56
N ASN B 15 13.87 -21.31 -5.88
CA ASN B 15 14.28 -20.12 -6.60
C ASN B 15 13.16 -19.42 -7.38
N ASP B 16 11.90 -19.60 -6.96
CA ASP B 16 10.81 -18.76 -7.43
C ASP B 16 10.81 -17.38 -6.78
N GLU B 17 10.59 -16.37 -7.61
CA GLU B 17 10.54 -14.97 -7.21
C GLU B 17 9.41 -14.20 -7.85
N PHE B 18 8.37 -13.92 -7.10
CA PHE B 18 7.23 -13.19 -7.68
C PHE B 18 7.16 -11.71 -7.26
N ASN B 19 6.91 -10.80 -8.20
CA ASN B 19 6.68 -9.40 -7.85
C ASN B 19 5.33 -9.13 -7.24
N GLU B 20 5.15 -7.89 -6.77
CA GLU B 20 3.94 -7.48 -6.10
C GLU B 20 2.73 -7.43 -7.00
N SER B 21 2.87 -7.56 -8.32
CA SER B 21 1.68 -7.65 -9.19
C SER B 21 1.09 -9.12 -9.23
N VAL B 22 1.73 -10.03 -8.52
CA VAL B 22 1.26 -11.39 -8.52
C VAL B 22 0.77 -11.69 -7.10
N ASN B 23 -0.50 -12.07 -6.96
CA ASN B 23 -1.08 -12.38 -5.65
C ASN B 23 -2.29 -13.27 -5.92
N GLU B 24 -2.05 -14.56 -6.03
CA GLU B 24 -3.14 -15.48 -6.49
C GLU B 24 -2.72 -16.94 -6.19
N PRO B 25 -3.64 -17.89 -6.36
CA PRO B 25 -3.28 -19.28 -6.12
C PRO B 25 -2.25 -19.85 -7.17
N PHE B 26 -1.50 -20.90 -6.78
CA PHE B 26 -0.87 -21.73 -7.79
C PHE B 26 -1.91 -22.46 -8.60
N ILE B 27 -2.87 -23.09 -7.94
CA ILE B 27 -3.93 -23.88 -8.63
C ILE B 27 -5.29 -23.27 -8.25
N SER B 28 -6.05 -22.77 -9.23
CA SER B 28 -7.38 -22.22 -9.03
C SER B 28 -8.46 -23.17 -9.58
N ASP B 29 -9.71 -22.75 -9.40
CA ASP B 29 -10.81 -23.52 -9.98
C ASP B 29 -10.88 -24.93 -9.42
N ASN B 30 -10.54 -25.05 -8.15
CA ASN B 30 -10.64 -26.34 -7.43
C ASN B 30 -12.06 -26.73 -7.15
N LYS B 31 -12.30 -28.04 -7.11
CA LYS B 31 -13.69 -28.54 -6.98
C LYS B 31 -13.79 -29.51 -5.86
N VAL B 32 -14.66 -29.20 -4.89
CA VAL B 32 -14.86 -30.16 -3.74
C VAL B 32 -15.24 -31.59 -4.26
N GLU B 33 -16.04 -31.68 -5.35
CA GLU B 33 -16.54 -32.94 -5.82
C GLU B 33 -15.38 -33.79 -6.20
N ASP B 34 -14.24 -33.17 -6.54
CA ASP B 34 -13.10 -33.98 -7.07
C ASP B 34 -12.11 -34.48 -5.97
N VAL B 35 -12.25 -33.93 -4.75
CA VAL B 35 -11.25 -34.21 -3.68
C VAL B 35 -11.38 -35.69 -3.33
N ARG B 36 -10.23 -36.35 -3.10
CA ARG B 36 -10.20 -37.71 -2.57
C ARG B 36 -11.19 -37.88 -1.42
N LYS B 37 -12.02 -38.90 -1.50
CA LYS B 37 -12.99 -39.13 -0.44
C LYS B 37 -12.54 -40.15 0.56
N ASP B 38 -11.39 -40.74 0.28
CA ASP B 38 -10.82 -41.79 1.09
CA ASP B 38 -10.78 -41.77 1.08
C ASP B 38 -9.64 -41.23 1.95
N GLU B 39 -9.53 -41.67 3.23
CA GLU B 39 -8.34 -41.28 4.03
C GLU B 39 -7.02 -41.77 3.40
N TYR B 40 -5.97 -40.98 3.52
CA TYR B 40 -4.63 -41.45 3.10
C TYR B 40 -4.24 -42.73 3.85
N LYS B 41 -3.51 -43.57 3.12
CA LYS B 41 -2.99 -44.81 3.71
C LYS B 41 -1.84 -44.60 4.68
N LEU B 42 -1.96 -45.27 5.83
CA LEU B 42 -0.91 -45.30 6.83
C LEU B 42 -0.19 -46.66 6.79
N PRO B 43 1.02 -46.73 7.32
CA PRO B 43 1.71 -48.07 7.30
C PRO B 43 0.95 -49.01 8.17
N PRO B 44 1.22 -50.30 8.00
CA PRO B 44 0.52 -51.33 8.77
C PRO B 44 0.75 -51.14 10.27
N GLY B 45 -0.39 -51.22 10.95
CA GLY B 45 -0.41 -51.13 12.40
C GLY B 45 -0.66 -49.74 12.97
N TYR B 46 -0.80 -48.78 12.08
CA TYR B 46 -1.19 -47.38 12.45
C TYR B 46 -2.62 -47.04 11.95
N SER B 47 -3.35 -46.21 12.69
CA SER B 47 -4.70 -45.84 12.32
CA SER B 47 -4.67 -45.79 12.24
C SER B 47 -4.91 -44.34 12.54
N TRP B 48 -5.82 -43.79 11.74
CA TRP B 48 -6.27 -42.44 12.01
C TRP B 48 -7.19 -42.44 13.21
N TYR B 49 -7.14 -41.36 14.01
CA TYR B 49 -7.94 -41.25 15.22
C TYR B 49 -8.63 -39.88 15.22
N VAL B 50 -9.93 -39.92 15.51
CA VAL B 50 -10.68 -38.71 15.62
C VAL B 50 -10.47 -38.07 16.99
N CYS B 51 -9.55 -37.11 17.07
CA CYS B 51 -9.29 -36.48 18.38
C CYS B 51 -10.44 -35.52 18.66
N ASP B 52 -11.20 -35.79 19.71
CA ASP B 52 -12.18 -34.83 20.20
C ASP B 52 -11.57 -33.94 21.28
N VAL B 53 -11.12 -32.73 20.89
CA VAL B 53 -10.36 -31.87 21.84
C VAL B 53 -11.17 -31.45 23.10
N LYS B 54 -12.48 -31.52 23.03
CA LYS B 54 -13.26 -31.17 24.18
C LYS B 54 -13.38 -32.35 25.11
N ASP B 55 -12.93 -33.53 24.72
CA ASP B 55 -12.95 -34.70 25.59
C ASP B 55 -11.69 -34.71 26.42
N GLU B 56 -11.81 -34.75 27.75
CA GLU B 56 -10.60 -34.71 28.60
C GLU B 56 -9.62 -35.87 28.29
N LYS B 57 -10.13 -37.08 28.04
CA LYS B 57 -9.23 -38.18 27.72
C LYS B 57 -8.46 -37.97 26.38
N ASP B 58 -9.17 -37.59 25.32
CA ASP B 58 -8.52 -37.31 23.98
C ASP B 58 -7.52 -36.15 24.12
N ARG B 59 -7.93 -35.09 24.83
CA ARG B 59 -7.08 -33.93 25.03
C ARG B 59 -5.85 -34.30 25.84
N SER B 60 -5.99 -35.18 26.84
CA SER B 60 -4.80 -35.58 27.61
C SER B 60 -3.81 -36.39 26.79
N GLU B 61 -4.34 -37.21 25.86
CA GLU B 61 -3.45 -37.91 24.94
C GLU B 61 -2.65 -36.94 24.03
N ILE B 62 -3.35 -35.91 23.51
CA ILE B 62 -2.63 -34.97 22.63
C ILE B 62 -1.59 -34.24 23.50
N TYR B 63 -1.96 -33.88 24.73
CA TYR B 63 -1.04 -33.26 25.66
C TYR B 63 0.22 -34.13 25.90
N THR B 64 0.00 -35.41 26.19
CA THR B 64 1.09 -36.28 26.45
C THR B 64 2.03 -36.40 25.22
N LEU B 65 1.44 -36.57 24.02
CA LEU B 65 2.30 -36.62 22.83
C LEU B 65 3.18 -35.37 22.65
N LEU B 66 2.58 -34.15 22.77
CA LEU B 66 3.36 -32.94 22.54
C LEU B 66 4.32 -32.69 23.70
N THR B 67 3.94 -33.04 24.97
CA THR B 67 4.87 -32.77 26.08
C THR B 67 6.15 -33.59 25.88
N ASP B 68 5.96 -34.84 25.38
CA ASP B 68 7.12 -35.74 25.16
C ASP B 68 7.87 -35.57 23.88
N ASN B 69 7.26 -34.93 22.85
CA ASN B 69 7.74 -35.11 21.46
C ASN B 69 7.74 -33.83 20.67
N TYR B 70 7.34 -32.68 21.26
CA TYR B 70 7.23 -31.50 20.41
C TYR B 70 8.53 -30.71 20.32
N VAL B 71 8.47 -29.42 19.89
CA VAL B 71 9.67 -28.71 19.50
C VAL B 71 10.61 -28.44 20.65
N GLU B 72 11.90 -28.70 20.42
CA GLU B 72 12.98 -28.37 21.38
C GLU B 72 13.90 -27.27 20.91
N ASP B 73 14.70 -26.69 21.82
CA ASP B 73 15.63 -25.67 21.32
C ASP B 73 16.76 -26.44 20.54
N ASP B 74 17.68 -25.70 19.92
CA ASP B 74 18.83 -26.34 19.24
C ASP B 74 19.72 -27.20 20.14
N ASP B 75 19.82 -26.88 21.41
CA ASP B 75 20.71 -27.68 22.25
C ASP B 75 19.99 -28.78 22.99
N ASN B 76 18.69 -28.96 22.67
CA ASN B 76 17.93 -30.05 23.34
C ASN B 76 17.93 -29.98 24.85
N ILE B 77 17.82 -28.77 25.39
CA ILE B 77 17.75 -28.42 26.84
CA ILE B 77 17.66 -28.70 26.85
C ILE B 77 16.29 -28.20 27.33
N PHE B 78 15.48 -27.66 26.43
CA PHE B 78 14.12 -27.24 26.69
C PHE B 78 13.21 -27.86 25.64
N ARG B 79 11.97 -28.16 26.05
CA ARG B 79 10.96 -28.57 25.02
C ARG B 79 9.63 -27.85 25.32
N PHE B 80 8.99 -27.28 24.28
CA PHE B 80 7.71 -26.61 24.49
C PHE B 80 6.76 -27.54 25.24
N ASN B 81 5.98 -26.93 26.15
CA ASN B 81 5.04 -27.74 26.96
C ASN B 81 3.70 -26.99 27.02
N TYR B 82 3.01 -26.88 25.88
CA TYR B 82 1.68 -26.30 25.88
C TYR B 82 0.75 -27.03 26.86
N SER B 83 -0.02 -26.25 27.62
CA SER B 83 -0.91 -26.92 28.60
C SER B 83 -2.13 -27.49 27.90
N ALA B 84 -2.76 -28.45 28.53
CA ALA B 84 -3.98 -29.05 28.01
C ALA B 84 -5.07 -27.95 27.89
N GLU B 85 -5.14 -26.99 28.85
CA GLU B 85 -6.14 -25.92 28.67
C GLU B 85 -5.80 -25.02 27.52
N PHE B 86 -4.49 -24.79 27.29
CA PHE B 86 -4.12 -23.96 26.11
C PHE B 86 -4.58 -24.67 24.82
N LEU B 87 -4.35 -25.98 24.78
CA LEU B 87 -4.76 -26.70 23.56
C LEU B 87 -6.23 -26.62 23.25
N LEU B 88 -7.06 -26.68 24.29
CA LEU B 88 -8.50 -26.47 24.15
C LEU B 88 -8.81 -25.12 23.55
N TRP B 89 -8.24 -24.04 24.14
CA TRP B 89 -8.36 -22.73 23.54
C TRP B 89 -7.92 -22.60 22.11
N ALA B 90 -6.76 -23.18 21.79
CA ALA B 90 -6.12 -22.96 20.51
C ALA B 90 -6.89 -23.66 19.36
N LEU B 91 -7.66 -24.70 19.75
CA LEU B 91 -8.26 -25.52 18.70
C LEU B 91 -9.76 -25.43 18.64
N THR B 92 -10.42 -24.62 19.53
CA THR B 92 -11.89 -24.53 19.52
C THR B 92 -12.38 -23.14 19.25
N SER B 93 -11.60 -22.45 18.46
CA SER B 93 -12.00 -21.14 17.92
C SER B 93 -13.32 -21.13 17.07
N PRO B 94 -13.87 -19.97 16.83
CA PRO B 94 -15.24 -19.95 16.21
C PRO B 94 -15.28 -20.77 14.90
N ASN B 95 -16.29 -21.60 14.75
CA ASN B 95 -16.53 -22.36 13.52
C ASN B 95 -15.45 -23.35 13.24
N TYR B 96 -14.75 -23.79 14.32
CA TYR B 96 -13.72 -24.85 14.16
C TYR B 96 -14.34 -26.17 13.65
N LEU B 97 -13.54 -26.91 12.91
CA LEU B 97 -13.93 -28.27 12.40
C LEU B 97 -13.30 -29.37 13.20
N LYS B 98 -14.13 -30.23 13.76
CA LYS B 98 -13.56 -31.31 14.55
C LYS B 98 -12.82 -32.31 13.58
N THR B 99 -13.13 -32.32 12.29
CA THR B 99 -12.45 -33.18 11.29
C THR B 99 -10.95 -32.77 11.14
N TRP B 100 -10.62 -31.55 11.59
CA TRP B 100 -9.32 -30.94 11.38
C TRP B 100 -8.44 -31.11 12.55
N HIS B 101 -8.80 -32.00 13.48
CA HIS B 101 -7.95 -32.31 14.64
C HIS B 101 -7.63 -33.79 14.54
N ILE B 102 -6.45 -34.10 14.03
CA ILE B 102 -6.19 -35.44 13.46
C ILE B 102 -5.08 -36.16 14.24
N GLY B 103 -5.43 -37.26 14.90
CA GLY B 103 -4.40 -38.07 15.48
C GLY B 103 -4.05 -39.29 14.64
N VAL B 104 -2.88 -39.92 14.96
CA VAL B 104 -2.56 -41.24 14.44
C VAL B 104 -2.18 -42.07 15.66
N LYS B 105 -2.70 -43.29 15.70
CA LYS B 105 -2.45 -44.19 16.79
C LYS B 105 -1.63 -45.35 16.30
N TYR B 106 -0.79 -45.88 17.17
CA TYR B 106 -0.24 -47.20 17.02
C TYR B 106 -1.16 -48.21 17.65
N ASP B 107 -1.74 -49.08 16.81
CA ASP B 107 -2.85 -49.87 17.24
C ASP B 107 -2.48 -50.91 18.30
N ALA B 108 -1.29 -51.49 18.19
CA ALA B 108 -0.89 -52.57 19.12
C ALA B 108 -0.86 -52.04 20.57
N SER B 109 -0.55 -50.74 20.77
CA SER B 109 -0.42 -50.15 22.12
C SER B 109 -1.49 -49.16 22.39
N ASN B 110 -2.35 -48.90 21.40
CA ASN B 110 -3.43 -47.89 21.50
C ASN B 110 -2.86 -46.52 21.96
N LYS B 111 -1.69 -46.14 21.43
CA LYS B 111 -1.02 -44.93 21.95
C LYS B 111 -0.96 -43.92 20.78
N LEU B 112 -1.17 -42.67 21.09
CA LEU B 112 -1.19 -41.63 20.04
C LEU B 112 0.29 -41.33 19.70
N ILE B 113 0.67 -41.44 18.42
CA ILE B 113 2.06 -41.25 18.07
C ILE B 113 2.21 -40.12 17.02
N GLY B 114 1.10 -39.53 16.58
CA GLY B 114 1.14 -38.42 15.57
C GLY B 114 -0.07 -37.53 15.74
N PHE B 115 0.09 -36.26 15.39
CA PHE B 115 -1.01 -35.29 15.50
C PHE B 115 -0.71 -34.18 14.46
N ILE B 116 -1.78 -33.64 13.93
CA ILE B 116 -1.75 -32.38 13.10
C ILE B 116 -3.09 -31.69 13.27
N SER B 117 -3.09 -30.35 13.33
CA SER B 117 -4.40 -29.66 13.55
C SER B 117 -4.48 -28.44 12.61
N ALA B 118 -5.71 -27.97 12.38
CA ALA B 118 -5.89 -26.64 11.76
C ALA B 118 -7.17 -26.03 12.34
N ILE B 119 -7.27 -24.69 12.22
CA ILE B 119 -8.51 -23.96 12.50
C ILE B 119 -8.74 -23.02 11.36
N PRO B 120 -10.05 -22.70 11.07
CA PRO B 120 -10.29 -21.77 9.98
C PRO B 120 -10.17 -20.29 10.33
N THR B 121 -9.69 -19.48 9.38
CA THR B 121 -9.78 -18.04 9.65
C THR B 121 -9.67 -17.27 8.33
N ASP B 122 -10.14 -16.02 8.30
CA ASP B 122 -9.92 -15.21 7.11
C ASP B 122 -8.60 -14.57 7.17
N ILE B 123 -7.78 -14.71 6.11
CA ILE B 123 -6.43 -14.14 6.09
C ILE B 123 -6.37 -13.15 4.95
N CYS B 124 -5.85 -11.96 5.25
CA CYS B 124 -5.66 -10.90 4.21
C CYS B 124 -4.17 -10.88 3.85
N ILE B 125 -3.89 -11.22 2.56
CA ILE B 125 -2.52 -11.24 2.01
C ILE B 125 -2.45 -10.23 0.90
N HIS B 126 -1.51 -9.30 1.03
CA HIS B 126 -1.40 -8.29 0.02
CA HIS B 126 -1.43 -8.15 0.13
C HIS B 126 -2.79 -7.70 -0.33
N LYS B 127 -3.62 -7.37 0.70
CA LYS B 127 -4.97 -6.69 0.46
C LYS B 127 -6.07 -7.61 -0.17
N ARG B 128 -5.82 -8.89 -0.32
CA ARG B 128 -6.87 -9.81 -0.74
C ARG B 128 -7.22 -10.71 0.39
N THR B 129 -8.53 -10.88 0.71
CA THR B 129 -8.91 -11.71 1.88
C THR B 129 -9.35 -13.07 1.40
N ILE B 130 -8.75 -14.09 2.00
CA ILE B 130 -8.95 -15.44 1.56
C ILE B 130 -9.32 -16.29 2.77
N LYS B 131 -10.32 -17.18 2.63
CA LYS B 131 -10.53 -18.14 3.71
CA LYS B 131 -10.56 -18.17 3.69
C LYS B 131 -9.39 -19.17 3.70
N MET B 132 -8.73 -19.32 4.86
CA MET B 132 -7.58 -20.26 4.97
C MET B 132 -7.69 -21.19 6.18
N ALA B 133 -6.89 -22.23 6.15
CA ALA B 133 -6.70 -23.04 7.40
C ALA B 133 -5.40 -22.58 8.03
N GLU B 134 -5.39 -22.38 9.35
CA GLU B 134 -4.15 -22.12 10.05
C GLU B 134 -3.68 -23.45 10.68
N VAL B 135 -2.51 -23.96 10.24
CA VAL B 135 -2.08 -25.31 10.66
C VAL B 135 -1.10 -25.22 11.80
N ASN B 136 -1.20 -26.15 12.79
CA ASN B 136 -0.29 -26.09 13.93
C ASN B 136 -0.26 -27.41 14.59
N PHE B 137 0.78 -27.58 15.42
CA PHE B 137 0.91 -28.78 16.32
C PHE B 137 1.16 -30.03 15.55
N LEU B 138 1.79 -29.95 14.40
CA LEU B 138 2.27 -31.19 13.68
C LEU B 138 3.33 -31.86 14.55
N CYS B 139 3.14 -33.12 14.87
CA CYS B 139 4.11 -33.80 15.70
C CYS B 139 4.10 -35.28 15.47
N VAL B 140 5.32 -35.84 15.32
CA VAL B 140 5.52 -37.31 15.17
C VAL B 140 6.38 -37.75 16.36
N HIS B 141 6.00 -38.85 17.01
CA HIS B 141 6.74 -39.45 18.14
C HIS B 141 8.21 -39.54 17.86
N LYS B 142 9.04 -39.21 18.86
CA LYS B 142 10.53 -39.23 18.63
C LYS B 142 11.02 -40.60 18.13
N THR B 143 10.32 -41.65 18.48
CA THR B 143 10.81 -43.00 18.08
C THR B 143 10.45 -43.35 16.63
N LEU B 144 9.75 -42.46 15.91
CA LEU B 144 9.27 -42.79 14.57
C LEU B 144 9.63 -41.72 13.59
N ARG B 145 10.68 -40.95 13.89
CA ARG B 145 11.15 -39.89 13.00
C ARG B 145 11.79 -40.37 11.73
N SER B 146 11.75 -39.47 10.72
CA SER B 146 12.40 -39.78 9.42
C SER B 146 11.83 -41.04 8.71
N LYS B 147 10.55 -41.36 8.96
CA LYS B 147 9.80 -42.44 8.30
C LYS B 147 8.80 -41.92 7.28
N ARG B 148 8.87 -40.61 6.90
CA ARG B 148 7.87 -40.05 5.96
C ARG B 148 6.44 -40.15 6.50
N LEU B 149 6.27 -40.12 7.83
CA LEU B 149 4.92 -39.99 8.36
C LEU B 149 4.39 -38.56 8.18
N ALA B 150 5.26 -37.55 8.34
CA ALA B 150 4.78 -36.16 8.29
C ALA B 150 4.06 -35.82 6.94
N PRO B 151 4.60 -36.29 5.75
CA PRO B 151 3.82 -35.96 4.53
C PRO B 151 2.44 -36.64 4.52
N VAL B 152 2.29 -37.77 5.22
CA VAL B 152 0.98 -38.38 5.24
C VAL B 152 0.03 -37.50 6.11
N LEU B 153 0.49 -36.98 7.23
CA LEU B 153 -0.35 -36.06 8.07
C LEU B 153 -0.68 -34.81 7.27
N ILE B 154 0.29 -34.28 6.58
CA ILE B 154 0.04 -33.09 5.76
C ILE B 154 -0.97 -33.33 4.66
N LYS B 155 -0.77 -34.43 3.91
CA LYS B 155 -1.72 -34.70 2.82
C LYS B 155 -3.10 -34.94 3.37
N GLU B 156 -3.22 -35.69 4.47
CA GLU B 156 -4.59 -35.94 4.96
C GLU B 156 -5.28 -34.68 5.53
N ILE B 157 -4.55 -33.80 6.24
CA ILE B 157 -5.26 -32.59 6.65
C ILE B 157 -5.60 -31.67 5.45
N THR B 158 -4.77 -31.70 4.39
CA THR B 158 -5.06 -30.93 3.17
C THR B 158 -6.38 -31.43 2.59
N ARG B 159 -6.50 -32.73 2.53
CA ARG B 159 -7.71 -33.31 1.98
C ARG B 159 -8.95 -32.87 2.76
N ARG B 160 -8.83 -32.94 4.09
CA ARG B 160 -10.01 -32.56 4.94
C ARG B 160 -10.32 -31.10 4.90
N ILE B 161 -9.32 -30.25 4.62
CA ILE B 161 -9.57 -28.81 4.55
C ILE B 161 -10.18 -28.54 3.16
N ASN B 162 -9.74 -29.29 2.11
CA ASN B 162 -10.28 -29.05 0.77
C ASN B 162 -11.75 -29.46 0.73
N LEU B 163 -12.18 -30.41 1.61
CA LEU B 163 -13.63 -30.78 1.68
C LEU B 163 -14.53 -29.64 2.23
N GLU B 164 -13.89 -28.57 2.71
CA GLU B 164 -14.59 -27.40 3.20
C GLU B 164 -14.51 -26.33 2.16
N ASN B 165 -14.11 -26.69 0.94
CA ASN B 165 -13.97 -25.68 -0.09
C ASN B 165 -12.92 -24.60 0.26
N ILE B 166 -11.89 -25.00 1.03
CA ILE B 166 -10.78 -24.14 1.39
C ILE B 166 -9.49 -24.71 0.83
N TRP B 167 -8.75 -23.86 0.12
CA TRP B 167 -7.66 -24.29 -0.79
C TRP B 167 -6.34 -23.62 -0.48
N GLN B 168 -6.30 -22.77 0.55
CA GLN B 168 -5.09 -22.13 0.98
C GLN B 168 -4.88 -22.38 2.46
N ALA B 169 -3.61 -22.20 2.93
CA ALA B 169 -3.36 -22.39 4.39
C ALA B 169 -2.20 -21.47 4.78
N ILE B 170 -2.11 -21.17 6.06
CA ILE B 170 -0.95 -20.41 6.57
C ILE B 170 -0.34 -21.27 7.69
N TYR B 171 0.99 -21.21 7.83
CA TYR B 171 1.70 -22.12 8.78
C TYR B 171 3.08 -21.51 8.98
N THR B 172 3.67 -21.80 10.11
CA THR B 172 5.04 -21.27 10.46
C THR B 172 5.87 -22.39 10.89
N ALA B 173 7.19 -22.31 10.64
CA ALA B 173 8.06 -23.33 11.14
C ALA B 173 9.42 -22.66 11.37
N GLY B 174 10.25 -23.26 12.25
CA GLY B 174 11.70 -22.80 12.32
C GLY B 174 12.58 -23.38 11.22
N VAL B 175 12.17 -24.49 10.64
CA VAL B 175 12.91 -25.15 9.52
C VAL B 175 12.64 -24.36 8.21
N TYR B 176 13.65 -24.36 7.33
CA TYR B 176 13.47 -23.73 6.09
C TYR B 176 12.86 -24.69 5.05
N LEU B 177 11.73 -24.26 4.45
CA LEU B 177 10.98 -25.08 3.52
C LEU B 177 10.67 -24.23 2.28
N PRO B 178 10.27 -24.85 1.19
CA PRO B 178 9.83 -24.04 0.06
C PRO B 178 8.46 -23.38 0.32
N LYS B 179 8.34 -22.04 0.27
CA LYS B 179 9.40 -21.07 0.44
C LYS B 179 8.79 -19.94 1.34
N PRO B 180 9.54 -19.38 2.28
CA PRO B 180 8.90 -18.40 3.20
C PRO B 180 8.33 -17.21 2.46
N VAL B 181 7.17 -16.69 2.91
CA VAL B 181 6.73 -15.31 2.47
C VAL B 181 7.37 -14.23 3.37
N SER B 182 7.82 -14.59 4.59
CA SER B 182 8.60 -13.72 5.46
C SER B 182 9.28 -14.60 6.52
N ASP B 183 10.25 -14.01 7.19
CA ASP B 183 11.07 -14.74 8.13
C ASP B 183 11.43 -13.74 9.27
N ALA B 184 11.11 -14.14 10.50
CA ALA B 184 11.18 -13.22 11.61
C ALA B 184 12.01 -13.81 12.67
N ARG B 185 13.13 -13.14 13.06
CA ARG B 185 13.81 -13.62 14.24
C ARG B 185 13.02 -13.46 15.54
N TYR B 186 13.29 -14.36 16.49
CA TYR B 186 12.77 -14.23 17.90
C TYR B 186 13.78 -13.58 18.79
N TYR B 187 13.26 -12.80 19.73
CA TYR B 187 14.08 -12.10 20.73
C TYR B 187 13.42 -12.34 22.08
N HIS B 188 14.19 -12.12 23.16
CA HIS B 188 13.64 -12.47 24.50
C HIS B 188 14.03 -11.41 25.44
N ARG B 189 13.15 -11.15 26.40
CA ARG B 189 13.41 -10.13 27.41
C ARG B 189 13.47 -10.80 28.76
N SER B 190 14.64 -10.81 29.39
CA SER B 190 14.76 -11.60 30.64
C SER B 190 14.00 -10.90 31.76
N ILE B 191 13.29 -11.70 32.53
CA ILE B 191 12.58 -11.17 33.72
C ILE B 191 13.22 -11.71 35.00
N ASN B 192 13.25 -13.06 35.18
CA ASN B 192 13.90 -13.75 36.32
C ASN B 192 15.28 -14.20 35.87
N VAL B 193 16.23 -13.23 35.92
CA VAL B 193 17.56 -13.32 35.40
C VAL B 193 18.30 -14.48 35.94
N LYS B 194 18.28 -14.61 37.26
CA LYS B 194 19.08 -15.62 37.87
C LYS B 194 18.66 -17.04 37.42
N LYS B 195 17.36 -17.27 37.38
CA LYS B 195 16.87 -18.55 36.86
C LYS B 195 17.33 -18.81 35.41
N LEU B 196 17.20 -17.81 34.54
CA LEU B 196 17.54 -18.02 33.13
C LEU B 196 19.08 -18.35 32.98
N ILE B 197 19.89 -17.78 33.86
CA ILE B 197 21.34 -18.11 33.88
C ILE B 197 21.51 -19.54 34.34
N GLU B 198 20.89 -19.90 35.47
CA GLU B 198 21.10 -21.23 36.03
C GLU B 198 20.64 -22.34 35.12
N ILE B 199 19.63 -22.09 34.29
CA ILE B 199 19.11 -23.16 33.39
C ILE B 199 19.83 -23.19 32.03
N GLY B 200 20.73 -22.26 31.80
CA GLY B 200 21.50 -22.25 30.58
C GLY B 200 20.84 -21.40 29.50
N PHE B 201 19.78 -20.68 29.79
CA PHE B 201 19.09 -19.85 28.75
C PHE B 201 19.96 -18.63 28.47
N SER B 202 20.44 -17.95 29.51
CA SER B 202 21.19 -16.71 29.38
C SER B 202 22.59 -16.94 29.90
N SER B 203 23.48 -15.97 29.67
CA SER B 203 24.88 -16.03 30.09
CA SER B 203 24.86 -16.05 30.13
C SER B 203 25.35 -14.75 30.79
N LEU B 204 26.40 -14.88 31.60
CA LEU B 204 27.18 -13.79 32.25
C LEU B 204 28.63 -13.69 31.61
N ASN B 205 29.34 -12.62 31.92
N ASN B 205 29.26 -12.53 31.78
CA ASN B 205 30.74 -12.44 31.47
CA ASN B 205 30.65 -12.23 31.31
C ASN B 205 31.41 -11.49 32.43
C ASN B 205 31.41 -11.55 32.46
N SER B 206 32.71 -11.28 32.30
CA SER B 206 33.47 -10.58 33.38
C SER B 206 32.97 -9.17 33.64
N ARG B 207 32.33 -8.59 32.60
CA ARG B 207 31.67 -7.27 32.65
C ARG B 207 30.30 -7.40 33.28
N LEU B 208 29.55 -8.41 32.81
CA LEU B 208 28.25 -8.63 33.38
C LEU B 208 28.28 -9.70 34.44
N THR B 209 28.47 -9.30 35.67
CA THR B 209 28.42 -10.23 36.81
C THR B 209 26.97 -10.56 37.12
N MET B 210 26.75 -11.49 38.04
CA MET B 210 25.36 -11.82 38.40
C MET B 210 24.61 -10.62 38.95
N SER B 211 25.18 -9.90 39.91
CA SER B 211 24.45 -8.74 40.49
C SER B 211 24.19 -7.67 39.39
N ARG B 212 25.13 -7.47 38.46
CA ARG B 212 24.95 -6.41 37.44
C ARG B 212 23.88 -6.86 36.46
N ALA B 213 23.83 -8.17 36.21
CA ALA B 213 22.74 -8.68 35.32
C ALA B 213 21.37 -8.48 35.95
N ILE B 214 21.26 -8.81 37.22
CA ILE B 214 20.03 -8.58 37.94
C ILE B 214 19.67 -7.11 37.84
N LYS B 215 20.64 -6.22 38.07
CA LYS B 215 20.26 -4.80 38.06
C LYS B 215 19.86 -4.35 36.68
N LEU B 216 20.55 -4.87 35.69
CA LEU B 216 20.27 -4.47 34.28
C LEU B 216 18.81 -4.78 33.91
N TYR B 217 18.33 -5.92 34.31
CA TYR B 217 16.95 -6.37 33.92
C TYR B 217 15.86 -5.99 34.90
N ARG B 218 16.19 -5.19 35.96
CA ARG B 218 15.24 -4.77 37.00
C ARG B 218 14.16 -3.93 36.35
N VAL B 219 12.95 -4.07 36.83
CA VAL B 219 11.88 -3.22 36.25
C VAL B 219 11.09 -2.52 37.33
N GLU B 220 10.68 -1.30 37.04
CA GLU B 220 9.95 -0.50 38.00
C GLU B 220 8.51 -1.08 37.97
N ASP B 221 7.95 -1.32 39.18
CA ASP B 221 6.60 -1.90 39.30
C ASP B 221 5.50 -0.85 39.16
N THR B 222 5.67 0.00 38.14
CA THR B 222 4.57 1.00 37.87
C THR B 222 4.27 1.06 36.35
N LEU B 223 2.99 0.97 35.96
CA LEU B 223 2.61 1.07 34.54
C LEU B 223 2.74 2.49 34.01
N ASN B 224 3.27 2.63 32.80
CA ASN B 224 3.19 3.87 32.06
C ASN B 224 1.75 4.23 31.78
N ILE B 225 0.93 3.23 31.50
CA ILE B 225 -0.49 3.50 31.16
C ILE B 225 -1.23 2.99 32.42
N LYS B 226 -1.52 3.93 33.37
CA LYS B 226 -2.01 3.54 34.67
C LYS B 226 -3.26 2.71 34.74
N ASN B 227 -4.16 2.82 33.73
CA ASN B 227 -5.46 2.19 33.89
C ASN B 227 -5.53 0.88 33.10
N MET B 228 -4.39 0.39 32.59
CA MET B 228 -4.39 -0.96 31.93
CA MET B 228 -4.42 -0.96 31.93
C MET B 228 -5.03 -1.95 32.87
N ARG B 229 -6.04 -2.68 32.37
CA ARG B 229 -6.79 -3.61 33.19
C ARG B 229 -7.19 -4.86 32.42
N LEU B 230 -7.38 -6.00 33.06
CA LEU B 230 -7.85 -7.19 32.29
C LEU B 230 -9.10 -6.90 31.42
N MET B 231 -9.07 -7.39 30.18
CA MET B 231 -10.16 -7.18 29.26
C MET B 231 -11.39 -7.94 29.78
N LYS B 232 -12.58 -7.37 29.61
CA LYS B 232 -13.89 -8.01 29.90
C LYS B 232 -14.71 -8.14 28.65
N LYS B 233 -15.78 -8.93 28.72
CA LYS B 233 -16.63 -9.11 27.57
C LYS B 233 -17.19 -7.79 27.01
N LYS B 234 -17.47 -6.80 27.89
CA LYS B 234 -17.94 -5.46 27.39
C LYS B 234 -16.99 -4.75 26.44
N ASP B 235 -15.72 -5.15 26.50
CA ASP B 235 -14.67 -4.52 25.71
C ASP B 235 -14.49 -5.14 24.34
N VAL B 236 -15.19 -6.20 24.01
CA VAL B 236 -14.99 -6.93 22.73
C VAL B 236 -15.20 -6.03 21.51
N GLU B 237 -16.26 -5.21 21.47
CA GLU B 237 -16.43 -4.31 20.36
C GLU B 237 -15.27 -3.33 20.21
N GLY B 238 -14.83 -2.76 21.35
CA GLY B 238 -13.78 -1.73 21.24
C GLY B 238 -12.39 -2.32 20.88
N VAL B 239 -12.12 -3.50 21.43
CA VAL B 239 -10.91 -4.24 20.97
C VAL B 239 -11.01 -4.59 19.49
N HIS B 240 -12.18 -5.05 19.02
CA HIS B 240 -12.36 -5.38 17.58
C HIS B 240 -12.04 -4.16 16.74
N LYS B 241 -12.55 -2.96 17.12
CA LYS B 241 -12.28 -1.76 16.32
CA LYS B 241 -12.28 -1.76 16.32
C LYS B 241 -10.81 -1.36 16.36
N LEU B 242 -10.22 -1.37 17.54
CA LEU B 242 -8.83 -0.97 17.72
C LEU B 242 -7.93 -1.84 16.91
N LEU B 243 -8.05 -3.12 17.14
CA LEU B 243 -7.10 -4.06 16.51
C LEU B 243 -7.39 -4.15 15.06
N GLY B 244 -8.69 -4.23 14.68
CA GLY B 244 -9.00 -4.44 13.24
C GLY B 244 -8.45 -3.26 12.42
N SER B 245 -8.56 -2.04 12.98
N SER B 245 -8.55 -2.04 12.97
CA SER B 245 -8.03 -0.88 12.30
CA SER B 245 -8.02 -0.87 12.28
C SER B 245 -6.54 -0.96 12.15
C SER B 245 -6.51 -0.86 12.18
N TYR B 246 -5.86 -1.27 13.27
CA TYR B 246 -4.41 -1.30 13.35
C TYR B 246 -3.86 -2.33 12.36
N LEU B 247 -4.54 -3.47 12.23
CA LEU B 247 -3.95 -4.57 11.43
C LEU B 247 -3.97 -4.27 9.91
N GLU B 248 -4.84 -3.37 9.48
CA GLU B 248 -4.96 -3.11 8.06
C GLU B 248 -3.70 -2.64 7.35
N GLN B 249 -2.76 -2.07 8.08
CA GLN B 249 -1.54 -1.57 7.52
C GLN B 249 -0.65 -2.72 7.02
N PHE B 250 -0.86 -3.96 7.50
CA PHE B 250 0.12 -5.02 7.24
C PHE B 250 -0.15 -5.77 5.97
N ASN B 251 0.91 -6.41 5.49
CA ASN B 251 0.86 -7.21 4.20
C ASN B 251 0.21 -8.59 4.51
N LEU B 252 0.12 -9.02 5.77
CA LEU B 252 -0.38 -10.43 6.07
C LEU B 252 -0.99 -10.32 7.46
N TYR B 253 -2.31 -10.54 7.56
CA TYR B 253 -2.98 -10.49 8.87
C TYR B 253 -4.31 -11.18 8.81
N ALA B 254 -4.77 -11.62 10.01
CA ALA B 254 -6.10 -12.20 10.14
C ALA B 254 -7.15 -11.17 10.23
N VAL B 255 -8.27 -11.38 9.53
CA VAL B 255 -9.37 -10.41 9.63
C VAL B 255 -10.32 -10.93 10.69
N PHE B 256 -10.28 -10.34 11.88
CA PHE B 256 -11.02 -10.99 13.02
C PHE B 256 -12.49 -10.53 13.00
N THR B 257 -13.37 -11.49 13.19
CA THR B 257 -14.76 -11.13 13.51
C THR B 257 -14.87 -10.82 14.99
N LYS B 258 -16.04 -10.36 15.44
CA LYS B 258 -16.20 -9.92 16.81
C LYS B 258 -16.18 -11.22 17.60
N GLU B 259 -16.73 -12.31 17.05
CA GLU B 259 -16.70 -13.57 17.86
CA GLU B 259 -16.72 -13.60 17.76
C GLU B 259 -15.29 -14.09 17.99
N GLU B 260 -14.47 -13.85 17.01
CA GLU B 260 -13.11 -14.31 17.08
C GLU B 260 -12.35 -13.44 18.06
N ILE B 261 -12.66 -12.13 18.17
CA ILE B 261 -12.01 -11.27 19.11
C ILE B 261 -12.33 -11.74 20.51
N ALA B 262 -13.63 -12.05 20.80
CA ALA B 262 -13.96 -12.64 22.08
C ALA B 262 -13.20 -13.92 22.38
N HIS B 263 -13.11 -14.82 21.37
CA HIS B 263 -12.43 -16.12 21.67
C HIS B 263 -10.93 -15.88 21.95
N TRP B 264 -10.29 -15.05 21.15
CA TRP B 264 -8.78 -15.07 21.09
C TRP B 264 -8.25 -14.14 22.14
N PHE B 265 -9.10 -13.19 22.62
CA PHE B 265 -8.54 -12.17 23.60
C PHE B 265 -9.07 -12.26 25.04
N LEU B 266 -10.35 -12.77 25.23
CA LEU B 266 -10.87 -12.69 26.60
C LEU B 266 -9.98 -13.60 27.49
N PRO B 267 -9.59 -13.08 28.66
CA PRO B 267 -8.53 -13.76 29.40
C PRO B 267 -8.88 -15.07 30.03
N ILE B 268 -7.90 -15.97 29.99
CA ILE B 268 -8.02 -17.29 30.65
C ILE B 268 -6.73 -17.47 31.39
N GLU B 269 -6.81 -17.70 32.73
CA GLU B 269 -5.57 -17.76 33.52
C GLU B 269 -4.69 -18.92 32.99
N ASN B 270 -3.35 -18.63 32.92
CA ASN B 270 -2.35 -19.58 32.39
C ASN B 270 -2.57 -19.94 30.95
N VAL B 271 -3.32 -19.10 30.22
CA VAL B 271 -3.45 -19.33 28.80
C VAL B 271 -3.27 -18.03 28.03
N ILE B 272 -4.22 -17.06 28.18
CA ILE B 272 -4.13 -15.84 27.31
C ILE B 272 -4.42 -14.69 28.28
N TYR B 273 -3.57 -13.66 28.22
CA TYR B 273 -3.73 -12.47 29.04
C TYR B 273 -3.98 -11.31 28.08
N THR B 274 -5.05 -10.49 28.32
CA THR B 274 -5.29 -9.27 27.48
C THR B 274 -5.63 -8.16 28.42
N TYR B 275 -4.96 -7.02 28.24
CA TYR B 275 -5.24 -5.86 29.11
C TYR B 275 -5.61 -4.75 28.14
N VAL B 276 -6.51 -3.88 28.61
CA VAL B 276 -6.93 -2.74 27.80
C VAL B 276 -6.90 -1.45 28.66
N ASN B 277 -6.75 -0.33 27.95
CA ASN B 277 -6.95 1.02 28.54
C ASN B 277 -8.24 1.61 27.94
N GLU B 278 -9.23 1.84 28.81
CA GLU B 278 -10.51 2.44 28.36
C GLU B 278 -10.49 3.92 28.78
N GLU B 279 -10.72 4.86 27.83
CA GLU B 279 -10.53 6.29 28.14
C GLU B 279 -11.70 6.96 27.45
N ASN B 280 -12.51 7.65 28.26
CA ASN B 280 -13.63 8.39 27.68
C ASN B 280 -14.51 7.53 26.77
N GLY B 281 -14.96 6.37 27.29
CA GLY B 281 -15.81 5.40 26.57
C GLY B 281 -15.17 4.35 25.64
N LYS B 282 -13.93 4.60 25.29
CA LYS B 282 -13.29 3.99 24.17
C LYS B 282 -12.07 3.13 24.60
N ILE B 283 -11.86 2.00 23.92
CA ILE B 283 -10.66 1.20 24.15
C ILE B 283 -9.57 1.83 23.27
N LYS B 284 -8.52 2.39 23.88
CA LYS B 284 -7.54 3.18 23.17
C LYS B 284 -6.20 2.43 23.05
N ASP B 285 -5.99 1.41 23.94
CA ASP B 285 -4.70 0.77 23.92
C ASP B 285 -4.94 -0.67 24.41
N MET B 286 -4.17 -1.65 23.88
CA MET B 286 -4.31 -3.05 24.35
C MET B 286 -2.94 -3.69 24.39
N ILE B 287 -2.82 -4.66 25.32
CA ILE B 287 -1.65 -5.57 25.46
C ILE B 287 -2.17 -6.97 25.50
N SER B 288 -1.56 -7.92 24.77
CA SER B 288 -1.89 -9.29 25.01
C SER B 288 -0.65 -10.20 24.82
N PHE B 289 -0.62 -11.28 25.61
CA PHE B 289 0.45 -12.23 25.48
C PHE B 289 -0.11 -13.56 25.97
N TYR B 290 0.42 -14.66 25.44
CA TYR B 290 -0.05 -16.00 25.84
C TYR B 290 1.04 -16.76 26.59
N SER B 291 0.63 -17.75 27.39
CA SER B 291 1.54 -18.55 28.18
C SER B 291 1.97 -19.84 27.39
N LEU B 292 3.27 -20.03 27.27
CA LEU B 292 3.84 -21.24 26.60
C LEU B 292 5.10 -21.61 27.43
N PRO B 293 4.87 -22.43 28.51
CA PRO B 293 5.96 -22.94 29.27
C PRO B 293 6.83 -23.90 28.46
N SER B 294 8.13 -23.94 28.78
CA SER B 294 8.98 -25.07 28.28
C SER B 294 9.34 -25.97 29.47
N GLN B 295 9.34 -27.22 29.18
CA GLN B 295 9.87 -28.19 30.15
C GLN B 295 11.42 -28.06 30.05
N ILE B 296 12.07 -27.98 31.20
CA ILE B 296 13.55 -27.95 31.27
C ILE B 296 14.00 -29.40 31.47
N LEU B 297 14.86 -29.85 30.60
CA LEU B 297 15.24 -31.28 30.53
C LEU B 297 16.47 -31.55 31.43
N GLY B 298 16.39 -32.48 32.36
CA GLY B 298 17.56 -32.84 33.20
C GLY B 298 18.20 -31.70 34.00
N ASN B 299 17.38 -30.85 34.62
CA ASN B 299 17.93 -29.87 35.58
C ASN B 299 17.35 -30.19 36.95
N ASP B 300 18.21 -30.36 37.96
CA ASP B 300 17.69 -30.80 39.27
C ASP B 300 16.85 -29.75 39.95
N LYS B 301 17.09 -28.50 39.66
CA LYS B 301 16.52 -27.55 40.51
C LYS B 301 15.20 -27.06 39.87
N TYR B 302 15.20 -27.01 38.54
CA TYR B 302 14.09 -26.36 37.85
C TYR B 302 13.50 -27.32 36.83
N SER B 303 12.18 -27.44 36.77
CA SER B 303 11.59 -28.31 35.76
C SER B 303 10.80 -27.52 34.70
N THR B 304 10.42 -26.29 35.03
CA THR B 304 9.65 -25.52 34.01
C THR B 304 10.17 -24.14 33.84
N LEU B 305 10.14 -23.64 32.60
CA LEU B 305 10.47 -22.24 32.28
C LEU B 305 9.13 -21.60 31.98
N ASN B 306 8.70 -20.61 32.77
CA ASN B 306 7.40 -19.99 32.48
C ASN B 306 7.67 -18.80 31.55
N ALA B 307 7.09 -18.84 30.38
CA ALA B 307 7.37 -17.82 29.32
C ALA B 307 6.09 -17.24 28.75
N ALA B 308 6.12 -15.93 28.57
CA ALA B 308 4.98 -15.13 27.99
C ALA B 308 5.42 -14.84 26.58
N TYR B 309 4.50 -15.07 25.63
CA TYR B 309 4.78 -14.67 24.23
C TYR B 309 3.91 -13.57 23.84
N SER B 310 4.53 -12.56 23.29
CA SER B 310 3.81 -11.36 22.83
C SER B 310 2.81 -11.76 21.73
N PHE B 311 1.62 -11.17 21.79
CA PHE B 311 0.54 -11.61 20.87
C PHE B 311 0.14 -10.41 20.03
N TYR B 312 -0.88 -9.59 20.45
CA TYR B 312 -1.10 -8.35 19.70
C TYR B 312 -1.12 -7.14 20.68
N ASN B 313 -0.42 -6.07 20.31
CA ASN B 313 -0.26 -4.88 21.17
C ASN B 313 -0.50 -3.65 20.32
N VAL B 314 -1.38 -2.75 20.81
CA VAL B 314 -1.68 -1.54 19.98
C VAL B 314 -1.69 -0.38 20.97
N THR B 315 -1.12 0.78 20.52
CA THR B 315 -1.26 1.94 21.40
C THR B 315 -1.68 3.15 20.58
N THR B 316 -2.58 3.95 21.15
CA THR B 316 -2.84 5.28 20.58
C THR B 316 -2.57 6.38 21.63
N THR B 317 -2.37 6.03 22.89
CA THR B 317 -2.14 7.08 23.95
C THR B 317 -0.77 7.11 24.56
N ALA B 318 0.13 6.26 24.10
CA ALA B 318 1.49 6.15 24.58
C ALA B 318 2.38 5.79 23.38
N THR B 319 3.70 5.81 23.63
CA THR B 319 4.56 5.28 22.53
C THR B 319 4.56 3.76 22.55
N PHE B 320 4.95 3.17 21.40
CA PHE B 320 5.02 1.69 21.31
C PHE B 320 6.01 1.15 22.34
N LYS B 321 7.13 1.86 22.57
CA LYS B 321 8.09 1.48 23.59
CA LYS B 321 8.10 1.47 23.60
C LYS B 321 7.42 1.48 25.00
N GLN B 322 6.70 2.55 25.34
CA GLN B 322 6.01 2.55 26.67
C GLN B 322 4.98 1.45 26.83
N LEU B 323 4.23 1.24 25.76
CA LEU B 323 3.32 0.10 25.67
C LEU B 323 3.97 -1.26 25.93
N MET B 324 5.07 -1.55 25.22
CA MET B 324 5.78 -2.85 25.44
C MET B 324 6.49 -2.90 26.77
N GLN B 325 6.93 -1.75 27.34
CA GLN B 325 7.48 -1.78 28.71
C GLN B 325 6.39 -2.22 29.66
N ASP B 326 5.18 -1.71 29.47
CA ASP B 326 4.04 -2.22 30.28
C ASP B 326 3.67 -3.67 30.06
N ALA B 327 3.82 -4.15 28.81
CA ALA B 327 3.66 -5.61 28.56
C ALA B 327 4.60 -6.48 29.38
N ILE B 328 5.85 -6.06 29.35
CA ILE B 328 6.87 -6.74 30.21
C ILE B 328 6.55 -6.76 31.68
N LEU B 329 6.12 -5.62 32.19
CA LEU B 329 5.73 -5.54 33.60
C LEU B 329 4.51 -6.45 33.88
N LEU B 330 3.51 -6.39 33.00
CA LEU B 330 2.34 -7.24 33.21
C LEU B 330 2.75 -8.74 33.18
N ALA B 331 3.69 -9.14 32.31
CA ALA B 331 4.19 -10.53 32.36
C ALA B 331 4.89 -10.81 33.65
N LYS B 332 5.74 -9.89 34.10
CA LYS B 332 6.41 -10.00 35.39
C LYS B 332 5.42 -10.18 36.52
N ARG B 333 4.37 -9.39 36.49
CA ARG B 333 3.34 -9.47 37.60
C ARG B 333 2.57 -10.77 37.59
N ASN B 334 2.56 -11.51 36.45
CA ASN B 334 1.89 -12.78 36.34
C ASN B 334 2.88 -13.98 36.40
N ASN B 335 4.09 -13.76 36.92
CA ASN B 335 4.99 -14.79 37.34
C ASN B 335 5.72 -15.42 36.18
N PHE B 336 5.78 -14.72 35.02
CA PHE B 336 6.58 -15.21 33.92
C PHE B 336 8.05 -14.96 34.10
N ASP B 337 8.88 -15.90 33.62
CA ASP B 337 10.39 -15.78 33.78
C ASP B 337 11.03 -15.03 32.64
N VAL B 338 10.35 -14.92 31.45
CA VAL B 338 10.89 -14.31 30.26
C VAL B 338 9.72 -13.86 29.44
N PHE B 339 9.96 -12.83 28.60
CA PHE B 339 8.95 -12.35 27.66
C PHE B 339 9.54 -12.53 26.25
N ASN B 340 8.84 -13.30 25.43
CA ASN B 340 9.31 -13.61 24.01
C ASN B 340 8.54 -12.84 22.95
N ALA B 341 9.23 -12.34 21.92
CA ALA B 341 8.57 -11.64 20.84
C ALA B 341 9.31 -11.90 19.54
N LEU B 342 8.54 -11.81 18.44
CA LEU B 342 9.13 -11.89 17.06
C LEU B 342 9.28 -10.49 16.55
N GLU B 343 10.23 -10.27 15.62
CA GLU B 343 10.37 -8.98 14.88
C GLU B 343 9.27 -8.78 13.82
N VAL B 344 8.01 -8.86 14.27
CA VAL B 344 6.87 -8.55 13.43
C VAL B 344 6.19 -7.32 13.94
N MET B 345 5.33 -6.77 13.07
CA MET B 345 4.61 -5.53 13.42
C MET B 345 5.67 -4.50 13.88
N GLN B 346 5.42 -3.76 14.98
CA GLN B 346 6.35 -2.68 15.36
C GLN B 346 7.35 -3.20 16.38
N ASN B 347 7.44 -4.51 16.59
CA ASN B 347 8.17 -4.98 17.72
C ASN B 347 9.67 -4.71 17.68
N LYS B 348 10.31 -4.84 16.51
CA LYS B 348 11.81 -4.75 16.47
C LYS B 348 12.21 -3.38 16.98
N SER B 349 11.37 -2.41 16.74
CA SER B 349 11.71 -1.01 17.15
C SER B 349 11.98 -0.81 18.62
N VAL B 350 11.46 -1.69 19.47
CA VAL B 350 11.63 -1.52 20.92
C VAL B 350 12.68 -2.46 21.54
N PHE B 351 13.19 -3.39 20.75
CA PHE B 351 14.05 -4.43 21.32
C PHE B 351 15.34 -3.87 22.02
N GLU B 352 16.06 -2.96 21.35
CA GLU B 352 17.28 -2.45 21.89
C GLU B 352 16.99 -1.70 23.22
N ASP B 353 16.05 -0.73 23.22
CA ASP B 353 15.79 0.13 24.42
C ASP B 353 15.16 -0.68 25.55
N LEU B 354 14.41 -1.75 25.23
CA LEU B 354 13.88 -2.58 26.31
C LEU B 354 14.68 -3.75 26.69
N LYS B 355 15.94 -3.87 26.21
CA LYS B 355 16.88 -4.86 26.77
CA LYS B 355 16.90 -4.85 26.73
C LYS B 355 16.57 -6.28 26.31
N PHE B 356 15.92 -6.40 25.14
CA PHE B 356 15.79 -7.71 24.54
C PHE B 356 17.10 -8.25 24.03
N GLY B 357 17.28 -9.57 24.18
CA GLY B 357 18.42 -10.32 23.54
C GLY B 357 17.96 -11.00 22.28
N GLU B 358 18.77 -10.95 21.22
CA GLU B 358 18.46 -11.72 20.00
C GLU B 358 18.59 -13.20 20.34
N GLY B 359 17.68 -14.03 19.78
CA GLY B 359 17.71 -15.46 20.02
C GLY B 359 18.60 -16.17 18.94
N ASP B 360 18.42 -17.48 18.79
CA ASP B 360 19.34 -18.20 17.94
C ASP B 360 18.77 -18.62 16.60
N GLY B 361 17.55 -18.25 16.24
CA GLY B 361 17.11 -18.58 14.89
C GLY B 361 15.94 -17.73 14.53
N SER B 362 15.16 -18.19 13.55
CA SER B 362 14.01 -17.44 13.10
C SER B 362 12.84 -18.33 12.82
N LEU B 363 11.67 -17.69 12.82
CA LEU B 363 10.42 -18.35 12.49
C LEU B 363 10.03 -17.91 11.11
N LYS B 364 9.92 -18.90 10.21
CA LYS B 364 9.52 -18.57 8.85
C LYS B 364 8.00 -18.71 8.68
N TYR B 365 7.42 -17.79 7.96
CA TYR B 365 5.96 -17.80 7.65
C TYR B 365 5.78 -18.37 6.28
N TYR B 366 4.77 -19.25 6.13
CA TYR B 366 4.49 -19.87 4.86
C TYR B 366 2.98 -19.77 4.49
N LEU B 367 2.72 -19.68 3.19
CA LEU B 367 1.39 -19.94 2.65
C LEU B 367 1.40 -21.16 1.75
N TYR B 368 0.27 -21.92 1.79
CA TYR B 368 0.04 -23.08 0.91
C TYR B 368 -0.86 -22.64 -0.25
N ASN B 369 -0.40 -22.98 -1.48
CA ASN B 369 -1.17 -22.70 -2.70
C ASN B 369 -1.40 -21.21 -2.92
N TRP B 370 -0.38 -20.45 -2.65
CA TRP B 370 -0.46 -19.01 -2.91
C TRP B 370 0.87 -18.47 -3.39
N LYS B 371 0.79 -17.68 -4.45
CA LYS B 371 1.95 -17.08 -5.13
C LYS B 371 1.90 -15.58 -4.89
N CYS B 372 2.98 -14.99 -4.32
CA CYS B 372 2.99 -13.56 -4.03
C CYS B 372 4.42 -13.13 -3.76
N ALA B 373 4.59 -11.80 -3.61
CA ALA B 373 5.91 -11.31 -3.28
C ALA B 373 6.22 -11.56 -1.77
N SER B 374 7.46 -11.89 -1.47
CA SER B 374 7.84 -11.98 -0.02
C SER B 374 8.11 -10.54 0.51
N PHE B 375 8.24 -10.43 1.83
CA PHE B 375 8.39 -9.11 2.45
C PHE B 375 9.11 -9.26 3.77
N ALA B 376 9.59 -8.11 4.28
CA ALA B 376 10.30 -8.05 5.53
C ALA B 376 9.31 -8.25 6.72
N PRO B 377 9.80 -8.76 7.84
CA PRO B 377 8.87 -9.22 8.85
C PRO B 377 8.10 -8.09 9.60
N ALA B 378 8.56 -6.84 9.49
CA ALA B 378 7.80 -5.74 10.12
C ALA B 378 6.42 -5.54 9.39
N HIS B 379 6.30 -6.04 8.14
CA HIS B 379 5.06 -6.13 7.40
C HIS B 379 4.21 -7.36 7.67
N VAL B 380 4.68 -8.28 8.49
CA VAL B 380 3.79 -9.34 9.00
C VAL B 380 2.95 -8.84 10.19
N GLY B 381 1.62 -9.06 10.12
CA GLY B 381 0.71 -8.60 11.16
C GLY B 381 -0.09 -9.77 11.75
N ILE B 382 0.52 -10.94 11.79
CA ILE B 382 -0.16 -12.03 12.39
C ILE B 382 0.83 -12.85 13.21
N VAL B 383 0.34 -13.37 14.34
CA VAL B 383 1.13 -14.20 15.24
C VAL B 383 0.43 -15.52 15.51
N LEU B 384 1.10 -16.60 15.16
CA LEU B 384 0.52 -17.94 15.36
C LEU B 384 1.03 -18.48 16.69
N LEU B 385 0.27 -19.40 17.26
CA LEU B 385 0.49 -19.92 18.61
C LEU B 385 1.67 -20.85 18.78
N MET C 1 -12.35 31.17 -16.28
CA MET C 1 -13.34 30.27 -15.62
C MET C 1 -13.02 29.98 -14.13
N ASP C 2 -14.03 30.07 -13.27
CA ASP C 2 -13.94 29.38 -11.98
C ASP C 2 -15.24 28.69 -11.66
N TYR C 3 -15.23 28.01 -10.56
CA TYR C 3 -16.28 26.99 -10.31
C TYR C 3 -16.64 27.21 -8.86
N LYS C 4 -17.45 28.22 -8.63
CA LYS C 4 -17.76 28.70 -7.26
C LYS C 4 -18.62 27.71 -6.48
N PHE C 5 -19.49 26.96 -7.21
CA PHE C 5 -20.19 25.95 -6.43
C PHE C 5 -19.28 24.74 -6.19
N TRP C 6 -18.71 24.20 -7.29
CA TRP C 6 -17.87 22.98 -7.13
C TRP C 6 -16.76 23.12 -6.11
N TYR C 7 -16.22 24.33 -5.99
CA TYR C 7 -15.23 24.73 -4.94
CA TYR C 7 -15.19 24.54 -5.02
C TYR C 7 -15.62 24.30 -3.54
N THR C 8 -16.92 24.42 -3.22
N THR C 8 -16.92 24.45 -3.22
CA THR C 8 -17.40 24.11 -1.89
CA THR C 8 -17.40 24.12 -1.88
C THR C 8 -17.66 22.62 -1.66
C THR C 8 -17.63 22.61 -1.65
N GLN C 9 -17.54 21.82 -2.71
CA GLN C 9 -17.91 20.42 -2.66
C GLN C 9 -16.68 19.52 -2.48
N PRO C 10 -16.84 18.28 -1.97
CA PRO C 10 -15.72 17.34 -1.86
C PRO C 10 -15.41 16.66 -3.19
N VAL C 11 -14.87 17.43 -4.13
CA VAL C 11 -14.38 16.91 -5.41
C VAL C 11 -13.03 17.58 -5.58
N PRO C 12 -12.25 17.12 -6.53
CA PRO C 12 -10.94 17.76 -6.79
C PRO C 12 -11.09 19.21 -7.27
N LYS C 13 -10.13 20.03 -6.82
CA LYS C 13 -9.90 21.33 -7.49
C LYS C 13 -9.36 21.15 -8.86
N ILE C 14 -9.52 22.18 -9.69
CA ILE C 14 -9.24 22.04 -11.09
CA ILE C 14 -9.24 22.06 -11.09
C ILE C 14 -7.79 21.66 -11.39
N ASN C 15 -6.87 22.03 -10.56
CA ASN C 15 -5.50 21.67 -10.89
C ASN C 15 -4.97 20.47 -10.10
N ASP C 16 -5.85 19.72 -9.46
CA ASP C 16 -5.40 18.65 -8.57
C ASP C 16 -4.97 17.43 -9.39
N GLU C 17 -3.91 16.78 -8.94
CA GLU C 17 -3.55 15.45 -9.53
C GLU C 17 -3.22 14.60 -8.35
N PHE C 18 -3.56 13.33 -8.42
CA PHE C 18 -3.34 12.44 -7.24
C PHE C 18 -2.48 11.29 -7.67
N ASN C 19 -1.63 10.85 -6.75
CA ASN C 19 -0.81 9.65 -7.10
C ASN C 19 -1.58 8.32 -7.10
N GLU C 20 -1.00 7.35 -7.81
CA GLU C 20 -1.63 6.04 -8.03
CA GLU C 20 -1.65 6.07 -8.05
C GLU C 20 -2.03 5.41 -6.72
N SER C 21 -1.23 5.68 -5.71
CA SER C 21 -1.50 5.04 -4.42
C SER C 21 -2.66 5.67 -3.62
N VAL C 22 -3.25 6.75 -4.11
CA VAL C 22 -4.32 7.45 -3.34
C VAL C 22 -5.66 6.94 -3.92
N ASN C 23 -6.52 6.49 -3.03
CA ASN C 23 -7.84 5.90 -3.45
C ASN C 23 -8.74 5.90 -2.24
N GLU C 24 -9.37 7.06 -1.96
CA GLU C 24 -10.09 7.25 -0.64
C GLU C 24 -11.04 8.44 -0.74
N PRO C 25 -12.00 8.55 0.21
CA PRO C 25 -12.87 9.71 0.18
C PRO C 25 -12.14 11.05 0.41
N PHE C 26 -12.68 12.18 -0.11
CA PHE C 26 -12.24 13.43 0.50
C PHE C 26 -12.69 13.59 1.95
N ILE C 27 -13.91 13.17 2.30
CA ILE C 27 -14.43 13.35 3.66
C ILE C 27 -14.90 11.99 4.11
N SER C 28 -14.34 11.47 5.17
CA SER C 28 -14.71 10.19 5.72
C SER C 28 -15.43 10.41 7.04
N ASP C 29 -15.84 9.35 7.69
CA ASP C 29 -16.51 9.40 9.01
C ASP C 29 -17.81 10.17 9.02
N ASN C 30 -18.51 10.08 7.89
CA ASN C 30 -19.81 10.76 7.76
C ASN C 30 -20.89 10.09 8.62
N LYS C 31 -21.89 10.87 9.02
CA LYS C 31 -22.91 10.33 9.93
C LYS C 31 -24.34 10.68 9.47
N VAL C 32 -25.19 9.64 9.28
CA VAL C 32 -26.53 9.90 8.82
C VAL C 32 -27.30 10.79 9.80
N GLU C 33 -27.03 10.66 11.09
CA GLU C 33 -27.70 11.46 12.09
C GLU C 33 -27.50 12.93 11.93
N ASP C 34 -26.35 13.33 11.38
CA ASP C 34 -25.99 14.76 11.18
C ASP C 34 -26.52 15.39 9.87
N VAL C 35 -27.05 14.57 8.96
CA VAL C 35 -27.49 15.07 7.65
C VAL C 35 -28.65 16.03 7.85
N ARG C 36 -28.68 17.10 7.07
CA ARG C 36 -29.78 18.07 7.14
C ARG C 36 -31.12 17.34 6.87
N LYS C 37 -32.11 17.64 7.70
CA LYS C 37 -33.38 16.94 7.55
CA LYS C 37 -33.38 16.96 7.61
C LYS C 37 -34.37 17.76 6.77
N ASP C 38 -34.01 19.00 6.44
CA ASP C 38 -34.88 19.92 5.68
C ASP C 38 -34.50 19.96 4.21
N GLU C 39 -35.50 19.89 3.35
CA GLU C 39 -35.26 20.18 1.91
C GLU C 39 -34.60 21.52 1.70
N TYR C 40 -33.71 21.55 0.73
CA TYR C 40 -33.15 22.84 0.30
C TYR C 40 -34.18 23.84 -0.18
N LYS C 41 -33.84 25.11 -0.07
CA LYS C 41 -34.84 26.17 -0.37
C LYS C 41 -34.76 26.50 -1.83
N LEU C 42 -35.95 26.60 -2.44
CA LEU C 42 -36.13 27.05 -3.83
C LEU C 42 -36.66 28.47 -3.84
N PRO C 43 -36.48 29.17 -4.96
CA PRO C 43 -36.96 30.56 -5.16
C PRO C 43 -38.50 30.60 -5.11
N PRO C 44 -39.06 31.77 -4.80
CA PRO C 44 -40.51 31.82 -4.64
C PRO C 44 -41.23 31.39 -5.91
N GLY C 45 -42.27 30.62 -5.65
CA GLY C 45 -43.12 30.00 -6.66
C GLY C 45 -42.67 28.65 -7.23
N TYR C 46 -41.57 28.13 -6.70
CA TYR C 46 -41.09 26.77 -7.11
C TYR C 46 -41.22 25.80 -5.88
N SER C 47 -41.59 24.57 -6.20
CA SER C 47 -41.78 23.52 -5.17
C SER C 47 -41.12 22.23 -5.55
N TRP C 48 -40.58 21.54 -4.53
CA TRP C 48 -40.14 20.13 -4.81
C TRP C 48 -41.30 19.22 -5.10
N TYR C 49 -41.06 18.19 -5.93
CA TYR C 49 -42.16 17.30 -6.36
C TYR C 49 -41.65 15.87 -6.25
N VAL C 50 -42.46 15.00 -5.64
CA VAL C 50 -42.11 13.57 -5.69
C VAL C 50 -42.55 12.92 -6.99
N CYS C 51 -41.58 12.61 -7.84
CA CYS C 51 -41.85 12.04 -9.13
C CYS C 51 -42.05 10.54 -8.89
N ASP C 52 -43.24 9.97 -9.13
CA ASP C 52 -43.41 8.55 -9.06
C ASP C 52 -43.26 7.98 -10.49
N VAL C 53 -42.08 7.46 -10.82
N VAL C 53 -42.08 7.41 -10.80
CA VAL C 53 -41.85 7.11 -12.20
CA VAL C 53 -41.73 6.94 -12.14
C VAL C 53 -42.77 5.95 -12.63
C VAL C 53 -42.59 5.76 -12.62
N LYS C 54 -43.22 5.09 -11.68
CA LYS C 54 -44.16 4.03 -12.03
C LYS C 54 -45.55 4.59 -12.34
N ASP C 55 -45.80 5.85 -12.06
CA ASP C 55 -47.08 6.49 -12.38
C ASP C 55 -47.00 7.07 -13.81
N GLU C 56 -47.89 6.58 -14.72
CA GLU C 56 -47.85 6.97 -16.13
C GLU C 56 -47.85 8.47 -16.30
N LYS C 57 -48.65 9.16 -15.49
CA LYS C 57 -48.76 10.56 -15.65
C LYS C 57 -47.46 11.31 -15.21
N ASP C 58 -46.95 10.97 -14.05
CA ASP C 58 -45.70 11.60 -13.58
C ASP C 58 -44.59 11.26 -14.58
N ARG C 59 -44.55 10.03 -15.10
CA ARG C 59 -43.47 9.64 -16.02
C ARG C 59 -43.55 10.43 -17.30
N SER C 60 -44.78 10.63 -17.77
CA SER C 60 -44.95 11.43 -18.97
CA SER C 60 -45.00 11.48 -18.94
C SER C 60 -44.50 12.91 -18.77
N GLU C 61 -44.61 13.49 -17.55
CA GLU C 61 -44.21 14.83 -17.32
C GLU C 61 -42.66 14.99 -17.33
N ILE C 62 -41.98 13.97 -16.74
CA ILE C 62 -40.52 13.86 -16.86
C ILE C 62 -40.11 13.75 -18.32
N TYR C 63 -40.83 12.87 -19.07
CA TYR C 63 -40.55 12.69 -20.46
C TYR C 63 -40.67 14.03 -21.20
N THR C 64 -41.72 14.82 -20.91
CA THR C 64 -41.92 16.02 -21.73
C THR C 64 -40.82 17.05 -21.33
N LEU C 65 -40.52 17.15 -20.02
CA LEU C 65 -39.45 18.06 -19.63
C LEU C 65 -38.15 17.75 -20.37
N LEU C 66 -37.73 16.48 -20.38
CA LEU C 66 -36.42 16.16 -21.06
C LEU C 66 -36.51 16.32 -22.59
N THR C 67 -37.66 15.94 -23.16
CA THR C 67 -37.79 16.02 -24.60
C THR C 67 -37.61 17.46 -25.04
N ASP C 68 -38.10 18.40 -24.25
CA ASP C 68 -38.03 19.81 -24.65
C ASP C 68 -36.73 20.52 -24.17
N ASN C 69 -36.07 19.97 -23.12
CA ASN C 69 -35.04 20.81 -22.44
C ASN C 69 -33.75 20.07 -22.16
N TYR C 70 -33.61 18.83 -22.61
CA TYR C 70 -32.35 18.10 -22.28
C TYR C 70 -31.20 18.41 -23.26
N VAL C 71 -30.18 17.55 -23.27
CA VAL C 71 -28.83 17.77 -23.93
C VAL C 71 -29.01 17.93 -25.44
N GLU C 72 -28.41 18.96 -26.02
CA GLU C 72 -28.40 19.16 -27.45
C GLU C 72 -26.97 19.04 -27.94
N ASP C 73 -26.76 18.72 -29.22
CA ASP C 73 -25.37 18.70 -29.70
C ASP C 73 -24.86 20.14 -29.78
N ASP C 74 -23.54 20.26 -29.93
CA ASP C 74 -22.91 21.59 -30.05
C ASP C 74 -23.44 22.60 -31.05
N ASP C 75 -24.14 22.19 -32.12
CA ASP C 75 -24.72 23.15 -33.05
C ASP C 75 -26.22 23.13 -33.06
N ASN C 76 -26.79 22.56 -32.00
CA ASN C 76 -28.23 22.68 -31.81
C ASN C 76 -29.07 22.15 -32.93
N ILE C 77 -28.69 21.03 -33.51
CA ILE C 77 -29.43 20.38 -34.56
C ILE C 77 -30.25 19.13 -34.04
N PHE C 78 -29.75 18.57 -32.94
CA PHE C 78 -30.35 17.37 -32.28
C PHE C 78 -30.52 17.63 -30.78
N ARG C 79 -31.56 17.01 -30.22
CA ARG C 79 -31.78 16.95 -28.79
C ARG C 79 -32.08 15.50 -28.35
N PHE C 80 -31.33 15.00 -27.37
CA PHE C 80 -31.63 13.63 -26.83
C PHE C 80 -33.10 13.49 -26.47
N ASN C 81 -33.70 12.33 -26.78
CA ASN C 81 -35.11 12.12 -26.60
C ASN C 81 -35.34 10.78 -25.97
N TYR C 82 -34.80 10.58 -24.76
CA TYR C 82 -35.11 9.35 -24.02
C TYR C 82 -36.60 9.06 -23.96
N SER C 83 -37.02 7.79 -24.22
CA SER C 83 -38.42 7.55 -24.15
C SER C 83 -38.96 7.38 -22.75
N ALA C 84 -40.29 7.45 -22.63
CA ALA C 84 -40.87 7.22 -21.32
C ALA C 84 -40.58 5.86 -20.83
N GLU C 85 -40.69 4.86 -21.71
CA GLU C 85 -40.38 3.46 -21.26
C GLU C 85 -38.89 3.28 -20.85
N PHE C 86 -38.01 3.97 -21.56
CA PHE C 86 -36.58 3.93 -21.17
C PHE C 86 -36.41 4.55 -19.77
N LEU C 87 -37.09 5.69 -19.50
CA LEU C 87 -36.98 6.32 -18.16
C LEU C 87 -37.46 5.32 -17.06
N LEU C 88 -38.53 4.61 -17.32
CA LEU C 88 -38.98 3.59 -16.35
C LEU C 88 -37.85 2.59 -16.05
N TRP C 89 -37.23 2.06 -17.13
CA TRP C 89 -36.15 1.05 -16.99
C TRP C 89 -34.98 1.69 -16.23
N ALA C 90 -34.60 2.86 -16.69
CA ALA C 90 -33.37 3.50 -16.12
C ALA C 90 -33.46 3.83 -14.64
N LEU C 91 -34.67 4.00 -14.17
CA LEU C 91 -34.83 4.58 -12.82
C LEU C 91 -35.41 3.62 -11.82
N THR C 92 -35.80 2.46 -12.27
CA THR C 92 -36.37 1.47 -11.27
C THR C 92 -35.57 0.21 -11.21
N SER C 93 -34.27 0.31 -11.24
CA SER C 93 -33.41 -0.79 -11.05
C SER C 93 -33.47 -1.37 -9.60
N PRO C 94 -32.80 -2.51 -9.32
CA PRO C 94 -33.01 -3.15 -8.02
C PRO C 94 -32.64 -2.25 -6.83
N ASN C 95 -33.53 -2.20 -5.86
CA ASN C 95 -33.31 -1.41 -4.59
C ASN C 95 -33.36 0.07 -4.82
N TYR C 96 -33.96 0.50 -5.94
CA TYR C 96 -34.01 1.95 -6.28
C TYR C 96 -34.82 2.67 -5.14
N LEU C 97 -34.46 3.92 -4.93
CA LEU C 97 -35.16 4.77 -3.92
C LEU C 97 -36.09 5.73 -4.60
N LYS C 98 -37.34 5.71 -4.17
CA LYS C 98 -38.25 6.72 -4.75
C LYS C 98 -37.92 8.18 -4.36
N THR C 99 -37.21 8.35 -3.29
CA THR C 99 -36.76 9.69 -2.79
C THR C 99 -35.70 10.30 -3.70
N TRP C 100 -35.09 9.44 -4.55
CA TRP C 100 -34.04 9.94 -5.42
C TRP C 100 -34.53 10.27 -6.83
N HIS C 101 -35.87 10.28 -7.06
CA HIS C 101 -36.46 10.74 -8.33
C HIS C 101 -37.04 12.10 -8.03
N ILE C 102 -36.31 13.18 -8.34
CA ILE C 102 -36.70 14.50 -7.79
C ILE C 102 -37.14 15.45 -8.89
N GLY C 103 -38.34 15.99 -8.68
CA GLY C 103 -38.75 17.04 -9.57
C GLY C 103 -38.81 18.41 -8.90
N VAL C 104 -38.85 19.50 -9.72
CA VAL C 104 -39.17 20.83 -9.20
C VAL C 104 -40.33 21.35 -10.11
N LYS C 105 -41.44 21.75 -9.48
CA LYS C 105 -42.54 22.31 -10.25
C LYS C 105 -42.56 23.82 -10.10
N TYR C 106 -43.10 24.52 -11.10
CA TYR C 106 -43.48 25.89 -11.00
C TYR C 106 -44.94 25.97 -10.59
N ASP C 107 -45.20 26.58 -9.43
CA ASP C 107 -46.54 26.50 -8.84
C ASP C 107 -47.58 27.21 -9.73
N ALA C 108 -47.15 28.17 -10.58
CA ALA C 108 -48.07 28.91 -11.41
C ALA C 108 -48.68 28.00 -12.45
N SER C 109 -47.90 27.02 -12.92
CA SER C 109 -48.28 26.11 -14.05
C SER C 109 -48.57 24.70 -13.65
N ASN C 110 -48.17 24.33 -12.45
CA ASN C 110 -48.16 22.93 -12.03
C ASN C 110 -47.39 22.03 -12.97
N LYS C 111 -46.39 22.57 -13.64
CA LYS C 111 -45.58 21.75 -14.57
C LYS C 111 -44.14 21.65 -14.07
N LEU C 112 -43.45 20.55 -14.41
CA LEU C 112 -42.03 20.43 -14.05
C LEU C 112 -41.19 21.43 -14.80
N ILE C 113 -40.22 21.99 -14.09
CA ILE C 113 -39.23 22.87 -14.67
C ILE C 113 -37.85 22.34 -14.36
N GLY C 114 -37.72 21.26 -13.56
CA GLY C 114 -36.43 20.76 -13.17
C GLY C 114 -36.51 19.34 -12.73
N PHE C 115 -35.45 18.57 -12.97
CA PHE C 115 -35.42 17.17 -12.53
C PHE C 115 -33.97 16.75 -12.25
N ILE C 116 -33.78 15.79 -11.35
CA ILE C 116 -32.52 15.11 -11.20
C ILE C 116 -32.81 13.77 -10.59
N SER C 117 -31.97 12.78 -10.90
CA SER C 117 -32.29 11.43 -10.38
C SER C 117 -31.03 10.69 -10.08
N ALA C 118 -31.12 9.61 -9.29
CA ALA C 118 -30.00 8.73 -9.03
C ALA C 118 -30.55 7.34 -8.76
N ILE C 119 -29.72 6.28 -9.00
CA ILE C 119 -30.07 4.98 -8.48
C ILE C 119 -28.82 4.42 -7.77
N PRO C 120 -28.98 3.46 -6.87
CA PRO C 120 -27.83 2.92 -6.16
C PRO C 120 -27.16 1.75 -6.87
N THR C 121 -25.82 1.71 -6.78
CA THR C 121 -25.11 0.54 -7.32
C THR C 121 -23.77 0.40 -6.57
N ASP C 122 -23.20 -0.79 -6.48
CA ASP C 122 -21.83 -0.89 -5.98
C ASP C 122 -20.86 -0.61 -7.13
N ILE C 123 -19.88 0.25 -6.89
CA ILE C 123 -18.87 0.65 -7.85
C ILE C 123 -17.52 0.26 -7.33
N CYS C 124 -16.75 -0.45 -8.15
CA CYS C 124 -15.35 -0.76 -7.82
C CYS C 124 -14.47 0.29 -8.46
N ILE C 125 -13.67 1.04 -7.69
CA ILE C 125 -12.75 2.05 -8.21
C ILE C 125 -11.36 1.64 -7.70
N HIS C 126 -10.47 1.27 -8.62
CA HIS C 126 -9.06 0.92 -8.23
C HIS C 126 -9.10 -0.12 -7.10
N LYS C 127 -9.91 -1.16 -7.30
CA LYS C 127 -9.99 -2.31 -6.38
C LYS C 127 -10.61 -2.09 -5.00
N ARG C 128 -11.35 -0.99 -4.80
CA ARG C 128 -12.20 -0.86 -3.64
C ARG C 128 -13.61 -0.74 -4.09
N THR C 129 -14.45 -1.54 -3.49
CA THR C 129 -15.92 -1.54 -3.82
C THR C 129 -16.69 -0.64 -2.85
N ILE C 130 -17.33 0.41 -3.36
CA ILE C 130 -18.07 1.36 -2.56
C ILE C 130 -19.52 1.43 -3.04
N LYS C 131 -20.44 1.58 -2.12
CA LYS C 131 -21.85 1.83 -2.56
C LYS C 131 -21.94 3.22 -3.00
N MET C 132 -22.45 3.40 -4.19
CA MET C 132 -22.55 4.78 -4.69
C MET C 132 -23.96 5.06 -5.24
N ALA C 133 -24.17 6.35 -5.51
CA ALA C 133 -25.34 6.76 -6.28
C ALA C 133 -24.85 7.07 -7.71
N GLU C 134 -25.58 6.58 -8.72
CA GLU C 134 -25.30 6.95 -10.09
CA GLU C 134 -25.33 6.94 -10.12
C GLU C 134 -26.31 8.02 -10.51
N VAL C 135 -25.80 9.24 -10.80
CA VAL C 135 -26.66 10.43 -11.00
C VAL C 135 -26.87 10.67 -12.48
N ASN C 136 -28.14 10.90 -12.86
CA ASN C 136 -28.44 11.19 -14.28
C ASN C 136 -29.69 12.03 -14.41
N PHE C 137 -29.80 12.63 -15.60
CA PHE C 137 -31.03 13.29 -16.09
C PHE C 137 -31.20 14.63 -15.38
N LEU C 138 -30.12 15.31 -15.01
CA LEU C 138 -30.23 16.64 -14.43
C LEU C 138 -30.68 17.55 -15.52
N CYS C 139 -31.76 18.29 -15.30
CA CYS C 139 -32.30 19.10 -16.36
C CYS C 139 -33.00 20.30 -15.72
N VAL C 140 -32.79 21.50 -16.29
CA VAL C 140 -33.49 22.70 -15.86
C VAL C 140 -34.09 23.32 -17.12
N HIS C 141 -35.41 23.59 -17.10
CA HIS C 141 -36.06 24.26 -18.29
C HIS C 141 -35.26 25.37 -18.95
N LYS C 142 -35.27 25.36 -20.27
CA LYS C 142 -34.53 26.36 -21.02
C LYS C 142 -34.77 27.80 -20.60
N THR C 143 -35.98 28.10 -20.09
CA THR C 143 -36.30 29.50 -19.73
C THR C 143 -35.70 29.88 -18.44
N LEU C 144 -35.14 28.91 -17.68
CA LEU C 144 -34.68 29.15 -16.31
C LEU C 144 -33.17 28.90 -16.13
N ARG C 145 -32.42 28.88 -17.24
CA ARG C 145 -30.99 28.69 -17.20
C ARG C 145 -30.19 29.80 -16.58
N SER C 146 -29.07 29.45 -15.99
CA SER C 146 -28.12 30.39 -15.38
C SER C 146 -28.74 31.18 -14.27
N LYS C 147 -29.62 30.54 -13.52
CA LYS C 147 -30.15 31.15 -12.28
C LYS C 147 -29.66 30.39 -11.02
N ARG C 148 -28.61 29.59 -11.15
CA ARG C 148 -28.13 28.79 -10.03
C ARG C 148 -29.15 27.81 -9.47
N LEU C 149 -30.08 27.25 -10.29
CA LEU C 149 -30.96 26.16 -9.82
C LEU C 149 -30.25 24.81 -9.84
N ALA C 150 -29.26 24.60 -10.75
CA ALA C 150 -28.61 23.25 -10.77
C ALA C 150 -27.93 22.91 -9.40
N PRO C 151 -27.22 23.87 -8.76
CA PRO C 151 -26.66 23.50 -7.51
C PRO C 151 -27.71 23.13 -6.43
N VAL C 152 -28.90 23.73 -6.52
CA VAL C 152 -29.92 23.37 -5.53
C VAL C 152 -30.37 21.91 -5.75
N LEU C 153 -30.58 21.55 -7.02
N LEU C 153 -30.61 21.56 -7.02
CA LEU C 153 -30.86 20.18 -7.44
CA LEU C 153 -30.93 20.18 -7.31
C LEU C 153 -29.80 19.15 -6.99
C LEU C 153 -29.81 19.26 -6.81
N ILE C 154 -28.53 19.59 -7.10
CA ILE C 154 -27.41 18.73 -6.72
C ILE C 154 -27.29 18.60 -5.22
N LYS C 155 -27.42 19.73 -4.52
CA LYS C 155 -27.39 19.68 -3.05
C LYS C 155 -28.56 18.86 -2.49
N GLU C 156 -29.76 19.06 -3.06
CA GLU C 156 -30.91 18.27 -2.51
C GLU C 156 -30.79 16.75 -2.79
N ILE C 157 -30.31 16.34 -3.98
CA ILE C 157 -30.15 14.88 -4.18
C ILE C 157 -29.04 14.34 -3.32
N THR C 158 -27.97 15.14 -3.07
CA THR C 158 -26.91 14.72 -2.18
C THR C 158 -27.41 14.42 -0.79
N ARG C 159 -28.25 15.34 -0.29
CA ARG C 159 -28.83 15.18 1.04
C ARG C 159 -29.62 13.88 1.09
N ARG C 160 -30.47 13.60 0.10
CA ARG C 160 -31.29 12.38 0.12
C ARG C 160 -30.52 11.06 -0.07
N ILE C 161 -29.39 11.14 -0.75
CA ILE C 161 -28.46 10.04 -0.89
C ILE C 161 -27.73 9.82 0.41
N ASN C 162 -27.34 10.91 1.06
CA ASN C 162 -26.70 10.81 2.45
C ASN C 162 -27.59 10.23 3.50
N LEU C 163 -28.91 10.44 3.36
CA LEU C 163 -29.86 9.75 4.28
C LEU C 163 -29.98 8.22 4.12
N GLU C 164 -29.39 7.68 3.08
CA GLU C 164 -29.20 6.23 2.88
C GLU C 164 -27.79 5.72 3.27
N ASN C 165 -27.05 6.56 4.00
CA ASN C 165 -25.67 6.29 4.35
C ASN C 165 -24.76 5.97 3.19
N ILE C 166 -24.90 6.77 2.10
CA ILE C 166 -24.16 6.61 0.87
C ILE C 166 -23.52 8.01 0.70
N TRP C 167 -22.21 8.03 0.46
CA TRP C 167 -21.45 9.22 0.52
C TRP C 167 -20.61 9.52 -0.74
N GLN C 168 -20.75 8.66 -1.74
CA GLN C 168 -20.03 8.72 -3.02
C GLN C 168 -21.06 8.62 -4.16
N ALA C 169 -20.71 9.29 -5.27
CA ALA C 169 -21.50 9.14 -6.47
C ALA C 169 -20.62 9.09 -7.75
N ILE C 170 -21.24 8.59 -8.82
CA ILE C 170 -20.60 8.57 -10.15
C ILE C 170 -21.52 9.30 -11.03
N TYR C 171 -20.97 10.04 -11.96
CA TYR C 171 -21.74 10.81 -12.90
C TYR C 171 -20.89 11.11 -14.13
N THR C 172 -21.53 11.38 -15.28
CA THR C 172 -20.80 11.75 -16.50
C THR C 172 -21.30 13.08 -17.02
N ALA C 173 -20.53 13.74 -17.84
CA ALA C 173 -21.09 14.90 -18.56
C ALA C 173 -20.18 15.20 -19.74
N GLY C 174 -20.73 15.86 -20.73
CA GLY C 174 -19.96 16.36 -21.81
C GLY C 174 -19.20 17.62 -21.48
N VAL C 175 -19.65 18.38 -20.48
CA VAL C 175 -18.89 19.61 -20.10
C VAL C 175 -17.71 19.15 -19.19
N TYR C 176 -16.69 20.02 -19.21
CA TYR C 176 -15.51 19.89 -18.35
C TYR C 176 -15.75 20.56 -17.00
N LEU C 177 -15.70 19.79 -15.93
CA LEU C 177 -15.98 20.25 -14.58
C LEU C 177 -14.83 19.79 -13.70
N PRO C 178 -14.71 20.30 -12.46
CA PRO C 178 -13.74 19.67 -11.56
C PRO C 178 -14.15 18.31 -11.02
N LYS C 179 -13.37 17.24 -11.26
CA LYS C 179 -12.32 17.08 -12.25
C LYS C 179 -12.51 15.66 -12.76
N PRO C 180 -12.33 15.38 -14.06
CA PRO C 180 -12.62 14.04 -14.53
C PRO C 180 -11.68 12.97 -13.93
N VAL C 181 -12.18 11.78 -13.66
CA VAL C 181 -11.30 10.66 -13.39
C VAL C 181 -10.93 9.94 -14.71
N SER C 182 -11.69 10.17 -15.78
CA SER C 182 -11.33 9.70 -17.10
C SER C 182 -12.15 10.48 -18.12
N ASP C 183 -11.63 10.52 -19.34
CA ASP C 183 -12.23 11.23 -20.41
C ASP C 183 -12.31 10.23 -21.60
N ALA C 184 -13.48 10.11 -22.23
CA ALA C 184 -13.62 9.19 -23.38
C ALA C 184 -14.26 9.85 -24.62
N ARG C 185 -13.51 9.89 -25.71
CA ARG C 185 -14.01 10.35 -26.98
C ARG C 185 -15.15 9.41 -27.42
N TYR C 186 -16.13 9.99 -28.06
CA TYR C 186 -17.19 9.15 -28.68
C TYR C 186 -17.02 9.04 -30.20
N TYR C 187 -17.53 7.93 -30.72
CA TYR C 187 -17.40 7.57 -32.10
C TYR C 187 -18.71 7.03 -32.58
N HIS C 188 -18.96 7.09 -33.90
CA HIS C 188 -20.22 6.56 -34.39
C HIS C 188 -20.01 5.75 -35.65
N ARG C 189 -20.81 4.71 -35.86
N ARG C 189 -20.83 4.70 -35.83
CA ARG C 189 -20.80 3.93 -37.12
CA ARG C 189 -20.93 3.91 -37.08
C ARG C 189 -22.15 4.18 -37.82
C ARG C 189 -22.22 4.23 -37.82
N SER C 190 -22.13 4.89 -38.97
CA SER C 190 -23.30 5.29 -39.67
C SER C 190 -23.88 4.01 -40.35
N ILE C 191 -25.17 3.85 -40.22
CA ILE C 191 -25.91 2.73 -40.80
C ILE C 191 -26.84 3.27 -41.91
N ASN C 192 -27.83 4.10 -41.57
CA ASN C 192 -28.76 4.55 -42.58
CA ASN C 192 -28.75 4.57 -42.57
C ASN C 192 -28.16 5.81 -43.15
N VAL C 193 -27.15 5.60 -44.01
CA VAL C 193 -26.29 6.69 -44.47
C VAL C 193 -27.08 7.76 -45.23
N LYS C 194 -28.02 7.40 -46.09
CA LYS C 194 -28.81 8.39 -46.83
C LYS C 194 -29.51 9.41 -45.87
N LYS C 195 -30.21 8.84 -44.88
CA LYS C 195 -30.92 9.64 -43.85
C LYS C 195 -29.95 10.55 -43.13
N LEU C 196 -28.80 10.04 -42.73
CA LEU C 196 -27.82 10.80 -42.02
C LEU C 196 -27.35 11.99 -42.85
N ILE C 197 -27.22 11.80 -44.15
CA ILE C 197 -26.95 12.90 -45.09
C ILE C 197 -28.10 13.91 -45.05
N GLU C 198 -29.32 13.44 -45.27
CA GLU C 198 -30.48 14.33 -45.28
C GLU C 198 -30.56 15.22 -44.02
N ILE C 199 -29.95 14.82 -42.91
CA ILE C 199 -29.91 15.74 -41.77
CA ILE C 199 -29.89 15.62 -41.67
C ILE C 199 -28.51 16.26 -41.50
N GLY C 200 -28.30 16.98 -40.42
CA GLY C 200 -26.98 17.55 -40.28
C GLY C 200 -25.91 16.58 -39.89
N PHE C 201 -26.21 15.27 -39.90
CA PHE C 201 -25.30 14.39 -39.22
C PHE C 201 -23.93 14.31 -39.88
N ALA C 213 -18.74 7.18 -47.89
CA ALA C 213 -20.20 6.91 -47.81
C ALA C 213 -20.69 5.68 -48.59
N ILE C 214 -20.28 5.57 -49.85
CA ILE C 214 -20.49 4.32 -50.61
C ILE C 214 -19.88 3.17 -49.79
N LYS C 215 -18.68 3.43 -49.27
CA LYS C 215 -17.98 2.52 -48.38
C LYS C 215 -18.88 2.04 -47.19
N LEU C 216 -19.63 2.98 -46.59
CA LEU C 216 -20.43 2.73 -45.40
C LEU C 216 -21.75 2.03 -45.63
N TYR C 217 -22.35 2.19 -46.81
CA TYR C 217 -23.67 1.61 -47.09
C TYR C 217 -23.68 0.08 -47.05
N ARG C 218 -22.59 -0.59 -47.43
CA ARG C 218 -22.73 -2.02 -47.58
C ARG C 218 -22.41 -2.72 -46.25
N VAL C 219 -23.38 -3.41 -45.70
CA VAL C 219 -23.07 -4.31 -44.63
C VAL C 219 -23.60 -5.69 -44.87
N GLU C 220 -22.76 -6.73 -44.71
CA GLU C 220 -23.26 -8.07 -45.00
C GLU C 220 -24.24 -8.53 -43.92
N ASP C 221 -25.40 -9.03 -44.36
CA ASP C 221 -26.43 -9.36 -43.45
C ASP C 221 -26.25 -10.79 -42.87
N THR C 222 -25.04 -11.12 -42.51
CA THR C 222 -24.77 -12.47 -41.92
C THR C 222 -23.85 -12.32 -40.68
N LEU C 223 -24.24 -12.96 -39.59
CA LEU C 223 -23.51 -12.84 -38.31
C LEU C 223 -22.19 -13.60 -38.37
N ASN C 224 -21.10 -13.00 -37.88
CA ASN C 224 -19.92 -13.82 -37.55
C ASN C 224 -20.15 -14.95 -36.56
N ILE C 225 -21.02 -14.73 -35.59
CA ILE C 225 -21.21 -15.67 -34.47
C ILE C 225 -22.69 -16.06 -34.68
N LYS C 226 -22.84 -17.13 -35.48
CA LYS C 226 -24.18 -17.45 -36.06
C LYS C 226 -25.30 -17.62 -35.07
N ASN C 227 -24.99 -18.08 -33.86
CA ASN C 227 -26.10 -18.36 -32.91
C ASN C 227 -26.42 -17.18 -31.95
N MET C 228 -25.88 -15.98 -32.17
CA MET C 228 -26.18 -14.80 -31.34
CA MET C 228 -26.25 -14.81 -31.32
C MET C 228 -27.74 -14.69 -31.29
N ARG C 229 -28.33 -14.73 -30.08
CA ARG C 229 -29.77 -14.66 -30.00
C ARG C 229 -30.20 -13.77 -28.88
N LEU C 230 -31.44 -13.32 -28.92
CA LEU C 230 -31.90 -12.51 -27.76
C LEU C 230 -31.74 -13.23 -26.43
N MET C 231 -31.28 -12.51 -25.38
CA MET C 231 -31.16 -13.06 -24.06
C MET C 231 -32.53 -13.39 -23.48
N LYS C 232 -32.61 -14.49 -22.73
N LYS C 232 -32.57 -14.49 -22.71
CA LYS C 232 -33.83 -14.83 -21.99
CA LYS C 232 -33.77 -14.98 -21.97
C LYS C 232 -33.51 -15.06 -20.51
C LYS C 232 -33.50 -15.02 -20.47
N LYS C 233 -34.55 -15.12 -19.68
CA LYS C 233 -34.41 -15.22 -18.22
CA LYS C 233 -34.37 -15.16 -18.23
C LYS C 233 -33.43 -16.29 -17.83
N LYS C 234 -33.49 -17.43 -18.50
CA LYS C 234 -32.63 -18.57 -18.16
C LYS C 234 -31.14 -18.28 -18.39
N ASP C 235 -30.80 -17.21 -19.18
CA ASP C 235 -29.41 -16.85 -19.45
C ASP C 235 -28.82 -15.92 -18.33
N VAL C 236 -29.62 -15.45 -17.37
CA VAL C 236 -29.15 -14.49 -16.34
C VAL C 236 -27.89 -14.99 -15.60
N GLU C 237 -27.88 -16.24 -15.18
CA GLU C 237 -26.73 -16.76 -14.45
CA GLU C 237 -26.74 -16.65 -14.43
C GLU C 237 -25.48 -16.70 -15.32
N GLY C 238 -25.64 -17.15 -16.59
CA GLY C 238 -24.48 -17.25 -17.41
C GLY C 238 -24.01 -15.84 -17.83
N VAL C 239 -24.91 -14.87 -17.93
CA VAL C 239 -24.41 -13.50 -18.33
C VAL C 239 -23.67 -12.88 -17.14
N HIS C 240 -24.18 -13.19 -15.93
CA HIS C 240 -23.64 -12.61 -14.73
C HIS C 240 -22.20 -13.12 -14.59
N LYS C 241 -21.97 -14.42 -14.86
CA LYS C 241 -20.62 -14.97 -14.73
CA LYS C 241 -20.63 -15.01 -14.74
C LYS C 241 -19.69 -14.44 -15.79
N LEU C 242 -20.16 -14.39 -17.04
CA LEU C 242 -19.35 -13.88 -18.16
C LEU C 242 -19.00 -12.44 -17.95
N LEU C 243 -20.01 -11.63 -17.71
CA LEU C 243 -19.73 -10.17 -17.63
C LEU C 243 -19.00 -9.81 -16.35
N GLY C 244 -19.38 -10.51 -15.24
CA GLY C 244 -18.79 -10.19 -13.92
C GLY C 244 -17.31 -10.45 -13.94
N SER C 245 -16.90 -11.62 -14.50
CA SER C 245 -15.47 -11.92 -14.67
CA SER C 245 -15.47 -11.90 -14.63
C SER C 245 -14.72 -10.94 -15.54
N TYR C 246 -15.31 -10.60 -16.68
CA TYR C 246 -14.75 -9.67 -17.62
C TYR C 246 -14.45 -8.33 -16.96
N LEU C 247 -15.39 -7.81 -16.14
CA LEU C 247 -15.26 -6.39 -15.74
C LEU C 247 -14.14 -6.24 -14.69
N GLU C 248 -13.71 -7.35 -14.05
CA GLU C 248 -12.77 -7.21 -12.91
C GLU C 248 -11.43 -6.64 -13.37
N GLN C 249 -11.15 -6.68 -14.67
CA GLN C 249 -9.87 -6.24 -15.16
C GLN C 249 -9.74 -4.68 -15.17
N PHE C 250 -10.88 -3.96 -14.96
CA PHE C 250 -10.91 -2.53 -15.22
C PHE C 250 -10.71 -1.72 -13.96
N ASN C 251 -10.37 -0.42 -14.15
CA ASN C 251 -10.12 0.41 -12.94
C ASN C 251 -11.43 0.99 -12.35
N LEU C 252 -12.55 0.91 -13.07
CA LEU C 252 -13.80 1.55 -12.64
C LEU C 252 -14.92 0.72 -13.27
N TYR C 253 -15.72 0.03 -12.44
CA TYR C 253 -16.84 -0.73 -13.01
C TYR C 253 -17.90 -0.98 -11.95
N ALA C 254 -19.13 -1.25 -12.39
CA ALA C 254 -20.17 -1.71 -11.51
C ALA C 254 -20.03 -3.15 -11.15
N VAL C 255 -20.26 -3.48 -9.91
CA VAL C 255 -20.25 -4.85 -9.47
C VAL C 255 -21.69 -5.38 -9.46
N PHE C 256 -22.09 -6.02 -10.54
CA PHE C 256 -23.48 -6.42 -10.72
C PHE C 256 -23.87 -7.64 -9.90
N THR C 257 -25.02 -7.57 -9.23
CA THR C 257 -25.61 -8.77 -8.64
C THR C 257 -26.41 -9.49 -9.75
N LYS C 258 -26.92 -10.67 -9.44
CA LYS C 258 -27.79 -11.39 -10.36
C LYS C 258 -29.05 -10.60 -10.73
N GLU C 259 -29.67 -10.00 -9.72
CA GLU C 259 -30.94 -9.23 -9.86
CA GLU C 259 -30.92 -9.30 -9.92
C GLU C 259 -30.59 -8.06 -10.78
N GLU C 260 -29.36 -7.52 -10.63
CA GLU C 260 -29.04 -6.34 -11.48
C GLU C 260 -28.82 -6.82 -12.88
N ILE C 261 -28.16 -7.94 -13.11
CA ILE C 261 -27.98 -8.42 -14.46
C ILE C 261 -29.36 -8.62 -15.18
N ALA C 262 -30.33 -9.21 -14.49
CA ALA C 262 -31.66 -9.46 -15.04
C ALA C 262 -32.25 -8.11 -15.41
N HIS C 263 -32.17 -7.10 -14.50
CA HIS C 263 -32.83 -5.82 -14.84
C HIS C 263 -32.10 -5.14 -16.00
N TRP C 264 -30.77 -5.05 -15.95
CA TRP C 264 -30.08 -4.17 -16.91
C TRP C 264 -29.89 -4.83 -18.26
N PHE C 265 -30.07 -6.14 -18.37
CA PHE C 265 -29.86 -6.79 -19.67
C PHE C 265 -31.06 -7.48 -20.30
N LEU C 266 -32.03 -7.92 -19.50
CA LEU C 266 -33.07 -8.75 -20.19
C LEU C 266 -33.82 -7.77 -21.21
N PRO C 267 -34.07 -8.21 -22.44
CA PRO C 267 -34.40 -7.21 -23.52
C PRO C 267 -35.78 -6.59 -23.34
N ILE C 268 -35.92 -5.33 -23.75
CA ILE C 268 -37.19 -4.66 -23.72
C ILE C 268 -37.10 -3.87 -25.03
N GLU C 269 -38.05 -4.14 -25.94
N GLU C 269 -37.99 -4.21 -25.99
CA GLU C 269 -38.11 -3.47 -27.24
CA GLU C 269 -37.98 -3.57 -27.33
C GLU C 269 -37.98 -1.98 -27.15
C GLU C 269 -37.98 -2.05 -27.20
N ASN C 270 -37.12 -1.40 -28.00
CA ASN C 270 -36.93 0.12 -28.05
C ASN C 270 -36.32 0.68 -26.75
N VAL C 271 -35.75 -0.24 -25.95
CA VAL C 271 -35.08 0.24 -24.74
C VAL C 271 -33.69 -0.44 -24.67
N ILE C 272 -33.64 -1.75 -24.45
CA ILE C 272 -32.39 -2.51 -24.22
C ILE C 272 -32.40 -3.82 -25.02
N TYR C 273 -31.27 -4.07 -25.70
CA TYR C 273 -31.13 -5.21 -26.62
C TYR C 273 -29.89 -5.95 -26.14
N THR C 274 -30.07 -7.21 -25.74
CA THR C 274 -28.94 -8.06 -25.34
C THR C 274 -29.04 -9.36 -26.09
N TYR C 275 -27.92 -9.76 -26.65
CA TYR C 275 -27.85 -11.02 -27.43
C TYR C 275 -26.75 -11.82 -26.80
N VAL C 276 -26.95 -13.17 -26.76
CA VAL C 276 -25.93 -14.02 -26.26
C VAL C 276 -25.63 -15.15 -27.23
N ASN C 277 -24.45 -15.75 -27.06
CA ASN C 277 -24.06 -16.98 -27.80
C ASN C 277 -23.89 -18.07 -26.78
N GLU C 278 -24.75 -19.07 -26.88
CA GLU C 278 -24.76 -20.22 -25.89
C GLU C 278 -24.13 -21.42 -26.56
N GLU C 279 -23.11 -22.03 -25.94
CA GLU C 279 -22.39 -23.12 -26.56
CA GLU C 279 -22.40 -23.14 -26.56
C GLU C 279 -22.17 -24.14 -25.47
N ASN C 280 -22.69 -25.33 -25.70
CA ASN C 280 -22.56 -26.44 -24.82
C ASN C 280 -22.95 -26.06 -23.43
N GLY C 281 -24.12 -25.46 -23.25
CA GLY C 281 -24.69 -25.07 -21.94
C GLY C 281 -24.15 -23.77 -21.31
N LYS C 282 -23.11 -23.17 -21.90
CA LYS C 282 -22.46 -22.00 -21.31
C LYS C 282 -22.64 -20.73 -22.14
N ILE C 283 -22.94 -19.59 -21.48
CA ILE C 283 -22.97 -18.29 -22.25
C ILE C 283 -21.50 -17.85 -22.49
N LYS C 284 -21.07 -17.84 -23.77
CA LYS C 284 -19.66 -17.55 -24.11
C LYS C 284 -19.37 -16.12 -24.71
N ASP C 285 -20.42 -15.50 -25.20
CA ASP C 285 -20.30 -14.22 -25.83
C ASP C 285 -21.56 -13.44 -25.56
N MET C 286 -21.47 -12.10 -25.45
CA MET C 286 -22.64 -11.23 -25.26
C MET C 286 -22.43 -9.93 -25.97
N ILE C 287 -23.53 -9.47 -26.55
CA ILE C 287 -23.61 -8.13 -27.18
C ILE C 287 -24.79 -7.35 -26.53
N SER C 288 -24.58 -6.07 -26.18
CA SER C 288 -25.72 -5.26 -25.73
C SER C 288 -25.59 -3.82 -26.16
N PHE C 289 -26.75 -3.22 -26.40
CA PHE C 289 -26.83 -1.79 -26.75
C PHE C 289 -28.22 -1.29 -26.39
N TYR C 290 -28.29 -0.02 -25.99
CA TYR C 290 -29.58 0.55 -25.64
C TYR C 290 -30.01 1.55 -26.70
N SER C 291 -31.35 1.88 -26.64
CA SER C 291 -31.99 2.78 -27.62
C SER C 291 -32.09 4.20 -27.02
N LEU C 292 -31.52 5.20 -27.73
CA LEU C 292 -31.64 6.57 -27.24
C LEU C 292 -31.85 7.44 -28.50
N PRO C 293 -33.09 7.60 -28.87
CA PRO C 293 -33.35 8.50 -30.04
C PRO C 293 -32.97 9.94 -29.75
N SER C 294 -32.71 10.73 -30.81
CA SER C 294 -32.59 12.17 -30.71
C SER C 294 -33.67 12.84 -31.58
N GLN C 295 -34.30 13.89 -31.05
CA GLN C 295 -35.21 14.69 -31.82
C GLN C 295 -34.40 15.58 -32.84
N ILE C 296 -34.86 15.58 -34.10
CA ILE C 296 -34.21 16.38 -35.13
C ILE C 296 -34.91 17.77 -35.12
N LEU C 297 -34.14 18.80 -34.85
CA LEU C 297 -34.80 20.02 -34.36
C LEU C 297 -35.29 20.84 -35.54
N GLY C 298 -34.46 20.90 -36.57
CA GLY C 298 -34.71 21.76 -37.74
C GLY C 298 -34.72 21.08 -39.10
N ASN C 299 -34.94 19.77 -39.13
CA ASN C 299 -35.33 19.09 -40.34
C ASN C 299 -36.82 18.99 -40.23
N ASP C 300 -37.46 19.04 -41.39
CA ASP C 300 -38.88 19.08 -41.43
C ASP C 300 -39.21 17.82 -42.22
N LYS C 301 -38.21 17.21 -42.85
CA LYS C 301 -38.38 15.88 -43.50
C LYS C 301 -38.36 14.62 -42.57
N TYR C 302 -37.44 14.60 -41.58
CA TYR C 302 -37.41 13.52 -40.54
C TYR C 302 -37.49 14.10 -39.12
N SER C 303 -38.24 13.44 -38.27
CA SER C 303 -38.42 13.98 -36.95
C SER C 303 -37.51 13.33 -35.89
N THR C 304 -37.08 12.07 -36.08
CA THR C 304 -36.14 11.47 -35.05
C THR C 304 -34.96 10.72 -35.65
N LEU C 305 -33.81 10.81 -34.97
CA LEU C 305 -32.67 10.00 -35.29
C LEU C 305 -32.71 8.75 -34.37
N ASN C 306 -32.85 7.55 -34.89
CA ASN C 306 -33.01 6.32 -34.03
CA ASN C 306 -32.94 6.35 -33.99
C ASN C 306 -31.59 5.79 -33.81
N ALA C 307 -31.05 5.94 -32.59
CA ALA C 307 -29.65 5.65 -32.43
C ALA C 307 -29.52 4.55 -31.39
N ALA C 308 -28.56 3.64 -31.65
CA ALA C 308 -28.19 2.59 -30.65
C ALA C 308 -26.89 3.06 -29.97
N TYR C 309 -26.75 2.72 -28.70
CA TYR C 309 -25.53 3.07 -27.95
C TYR C 309 -24.96 1.80 -27.34
N SER C 310 -23.69 1.51 -27.68
CA SER C 310 -22.97 0.36 -27.14
C SER C 310 -23.02 0.34 -25.62
N PHE C 311 -23.33 -0.86 -25.04
CA PHE C 311 -23.47 -1.05 -23.63
C PHE C 311 -22.33 -1.94 -23.08
N TYR C 312 -22.57 -3.24 -22.97
CA TYR C 312 -21.47 -4.18 -22.65
C TYR C 312 -21.35 -5.33 -23.66
N ASN C 313 -20.14 -5.56 -24.13
CA ASN C 313 -19.89 -6.56 -25.17
C ASN C 313 -18.74 -7.41 -24.66
N VAL C 314 -18.87 -8.73 -24.73
CA VAL C 314 -17.78 -9.63 -24.24
C VAL C 314 -17.65 -10.80 -25.19
N THR C 315 -16.44 -11.14 -25.64
CA THR C 315 -16.29 -12.33 -26.50
C THR C 315 -15.20 -13.23 -25.99
N THR C 316 -15.50 -14.52 -25.94
CA THR C 316 -14.47 -15.52 -25.64
C THR C 316 -14.37 -16.55 -26.78
N THR C 317 -15.23 -16.46 -27.80
CA THR C 317 -15.07 -17.40 -28.94
C THR C 317 -14.65 -16.73 -30.23
N ALA C 318 -14.59 -15.40 -30.26
CA ALA C 318 -14.37 -14.63 -31.47
C ALA C 318 -13.39 -13.54 -31.18
N THR C 319 -13.00 -12.79 -32.19
CA THR C 319 -12.21 -11.55 -31.94
C THR C 319 -13.15 -10.43 -31.55
N PHE C 320 -12.65 -9.46 -30.81
CA PHE C 320 -13.55 -8.40 -30.40
C PHE C 320 -14.00 -7.63 -31.65
N LYS C 321 -13.16 -7.52 -32.70
CA LYS C 321 -13.60 -6.95 -33.97
C LYS C 321 -14.84 -7.72 -34.53
N GLN C 322 -14.79 -9.07 -34.54
CA GLN C 322 -15.87 -9.85 -35.14
C GLN C 322 -17.16 -9.57 -34.31
N LEU C 323 -16.98 -9.56 -32.97
CA LEU C 323 -18.10 -9.29 -32.07
C LEU C 323 -18.74 -7.96 -32.34
N MET C 324 -17.94 -6.90 -32.41
CA MET C 324 -18.54 -5.57 -32.65
C MET C 324 -19.09 -5.39 -34.05
N GLN C 325 -18.58 -6.15 -35.01
CA GLN C 325 -19.19 -6.18 -36.35
C GLN C 325 -20.56 -6.75 -36.28
N ASP C 326 -20.70 -7.80 -35.48
CA ASP C 326 -22.02 -8.38 -35.21
C ASP C 326 -22.95 -7.40 -34.45
N ALA C 327 -22.40 -6.63 -33.50
CA ALA C 327 -23.27 -5.69 -32.82
C ALA C 327 -23.78 -4.66 -33.82
N ILE C 328 -22.97 -4.26 -34.79
CA ILE C 328 -23.41 -3.25 -35.75
C ILE C 328 -24.54 -3.83 -36.66
N LEU C 329 -24.33 -5.05 -37.09
CA LEU C 329 -25.39 -5.80 -37.81
C LEU C 329 -26.65 -5.89 -37.02
N LEU C 330 -26.59 -6.32 -35.75
CA LEU C 330 -27.83 -6.42 -35.00
C LEU C 330 -28.49 -5.12 -34.83
N ALA C 331 -27.72 -4.03 -34.57
CA ALA C 331 -28.36 -2.68 -34.55
C ALA C 331 -29.00 -2.31 -35.90
N LYS C 332 -28.38 -2.73 -37.00
CA LYS C 332 -28.95 -2.47 -38.33
C LYS C 332 -30.24 -3.28 -38.48
N ARG C 333 -30.22 -4.56 -38.07
CA ARG C 333 -31.44 -5.42 -38.22
C ARG C 333 -32.60 -4.88 -37.34
N ASN C 334 -32.27 -4.11 -36.29
CA ASN C 334 -33.27 -3.59 -35.37
C ASN C 334 -33.66 -2.15 -35.67
N ASN C 335 -33.33 -1.72 -36.88
CA ASN C 335 -33.73 -0.47 -37.55
CA ASN C 335 -33.86 -0.48 -37.44
C ASN C 335 -33.14 0.79 -36.96
N PHE C 336 -31.96 0.64 -36.37
CA PHE C 336 -31.23 1.83 -35.91
C PHE C 336 -30.50 2.51 -37.03
N ASP C 337 -30.42 3.84 -36.94
CA ASP C 337 -29.83 4.63 -38.02
C ASP C 337 -28.30 4.79 -37.86
N VAL C 338 -27.82 4.61 -36.63
CA VAL C 338 -26.44 4.89 -36.27
C VAL C 338 -26.16 4.06 -35.01
N PHE C 339 -24.88 3.74 -34.84
CA PHE C 339 -24.43 2.92 -33.66
C PHE C 339 -23.29 3.70 -32.99
N ASN C 340 -23.50 4.16 -31.74
CA ASN C 340 -22.54 5.00 -31.01
C ASN C 340 -21.79 4.25 -30.00
N ALA C 341 -20.51 4.58 -29.80
CA ALA C 341 -19.74 3.94 -28.74
C ALA C 341 -18.71 4.92 -28.20
N LEU C 342 -18.22 4.65 -27.01
CA LEU C 342 -17.14 5.41 -26.38
C LEU C 342 -15.86 4.61 -26.48
N GLU C 343 -14.71 5.30 -26.41
CA GLU C 343 -13.41 4.63 -26.23
C GLU C 343 -13.09 3.94 -24.87
N VAL C 344 -14.02 3.20 -24.35
CA VAL C 344 -13.87 2.48 -23.06
C VAL C 344 -13.67 1.00 -23.30
N MET C 345 -13.24 0.28 -22.25
CA MET C 345 -13.03 -1.19 -22.41
C MET C 345 -12.15 -1.46 -23.66
N GLN C 346 -12.58 -2.40 -24.50
CA GLN C 346 -11.82 -2.78 -25.72
C GLN C 346 -12.22 -2.03 -26.99
N ASN C 347 -13.12 -1.08 -26.80
CA ASN C 347 -13.71 -0.44 -27.99
C ASN C 347 -12.74 0.26 -28.96
N LYS C 348 -11.73 0.98 -28.45
CA LYS C 348 -10.92 1.81 -29.33
CA LYS C 348 -10.98 1.83 -29.36
C LYS C 348 -10.25 0.92 -30.39
N SER C 349 -9.92 -0.30 -29.97
CA SER C 349 -9.21 -1.27 -30.88
C SER C 349 -9.94 -1.54 -32.19
N VAL C 350 -11.27 -1.35 -32.26
CA VAL C 350 -12.04 -1.77 -33.44
C VAL C 350 -12.53 -0.59 -34.29
N PHE C 351 -12.37 0.64 -33.78
CA PHE C 351 -13.00 1.76 -34.48
C PHE C 351 -12.55 1.99 -35.90
N GLU C 352 -11.25 1.94 -36.14
CA GLU C 352 -10.71 2.18 -37.51
CA GLU C 352 -10.79 2.27 -37.48
C GLU C 352 -11.16 1.11 -38.48
N ASP C 353 -11.01 -0.15 -38.11
CA ASP C 353 -11.29 -1.32 -38.99
C ASP C 353 -12.80 -1.46 -39.24
N LEU C 354 -13.62 -1.06 -38.26
CA LEU C 354 -15.10 -1.03 -38.46
C LEU C 354 -15.72 0.27 -38.96
N LYS C 355 -14.88 1.19 -39.42
CA LYS C 355 -15.31 2.41 -40.14
C LYS C 355 -16.10 3.35 -39.28
N PHE C 356 -15.80 3.40 -37.98
CA PHE C 356 -16.36 4.44 -37.11
C PHE C 356 -15.74 5.80 -37.40
N GLY C 357 -16.58 6.80 -37.37
CA GLY C 357 -16.07 8.16 -37.37
C GLY C 357 -15.99 8.76 -35.97
N GLU C 358 -14.99 9.63 -35.77
CA GLU C 358 -14.76 10.19 -34.44
C GLU C 358 -15.72 11.32 -34.30
N GLY C 359 -16.41 11.49 -33.14
CA GLY C 359 -17.26 12.64 -32.95
C GLY C 359 -16.41 13.83 -32.51
N ASP C 360 -17.10 14.86 -32.05
CA ASP C 360 -16.54 16.17 -31.90
C ASP C 360 -16.09 16.54 -30.51
N GLY C 361 -16.36 15.72 -29.52
CA GLY C 361 -15.94 16.05 -28.16
C GLY C 361 -15.78 14.77 -27.35
N SER C 362 -16.03 14.89 -26.08
CA SER C 362 -15.75 13.68 -25.31
C SER C 362 -16.72 13.62 -24.11
N LEU C 363 -16.83 12.44 -23.49
CA LEU C 363 -17.63 12.30 -22.28
C LEU C 363 -16.70 12.17 -21.06
N LYS C 364 -16.88 13.02 -20.09
CA LYS C 364 -16.07 13.02 -18.88
C LYS C 364 -16.73 12.17 -17.83
N TYR C 365 -15.94 11.30 -17.20
CA TYR C 365 -16.37 10.53 -16.04
C TYR C 365 -15.93 11.22 -14.73
N TYR C 366 -16.85 11.27 -13.79
CA TYR C 366 -16.55 11.90 -12.48
C TYR C 366 -17.00 11.12 -11.29
N LEU C 367 -16.28 11.27 -10.17
CA LEU C 367 -16.76 10.72 -8.91
C LEU C 367 -17.00 11.90 -7.96
N TYR C 368 -17.92 11.68 -7.01
CA TYR C 368 -18.12 12.70 -5.91
C TYR C 368 -17.64 12.16 -4.64
N ASN C 369 -16.88 13.00 -3.92
CA ASN C 369 -16.27 12.54 -2.66
C ASN C 369 -15.34 11.35 -2.73
N TRP C 370 -14.53 11.36 -3.78
CA TRP C 370 -13.53 10.31 -4.02
C TRP C 370 -12.31 10.90 -4.63
N LYS C 371 -11.16 10.56 -4.08
CA LYS C 371 -9.92 11.05 -4.68
C LYS C 371 -9.07 9.87 -5.10
N CYS C 372 -8.53 9.99 -6.30
CA CYS C 372 -7.81 8.81 -6.91
C CYS C 372 -7.10 9.35 -8.10
N ALA C 373 -6.13 8.59 -8.62
CA ALA C 373 -5.52 9.03 -9.80
C ALA C 373 -6.41 8.87 -11.03
N SER C 374 -6.32 9.85 -11.95
CA SER C 374 -7.13 9.75 -13.15
C SER C 374 -6.46 8.69 -14.04
N PHE C 375 -7.15 8.19 -15.07
CA PHE C 375 -6.64 7.08 -15.91
C PHE C 375 -7.23 7.18 -17.32
N ALA C 376 -6.61 6.43 -18.24
CA ALA C 376 -7.00 6.38 -19.59
C ALA C 376 -8.30 5.66 -19.76
N PRO C 377 -9.07 6.06 -20.72
CA PRO C 377 -10.43 5.42 -20.85
C PRO C 377 -10.47 3.88 -21.15
N ALA C 378 -9.39 3.29 -21.69
CA ALA C 378 -9.34 1.87 -21.91
C ALA C 378 -9.50 1.22 -20.53
N HIS C 379 -9.23 1.96 -19.43
CA HIS C 379 -9.43 1.35 -18.09
C HIS C 379 -10.76 1.58 -17.45
N VAL C 380 -11.63 2.32 -18.13
CA VAL C 380 -13.09 2.46 -17.75
C VAL C 380 -13.86 1.21 -18.19
N GLY C 381 -14.56 0.61 -17.21
CA GLY C 381 -15.41 -0.62 -17.46
C GLY C 381 -16.86 -0.33 -17.10
N ILE C 382 -17.31 0.93 -17.29
CA ILE C 382 -18.74 1.29 -16.94
C ILE C 382 -19.27 2.23 -17.97
N VAL C 383 -20.50 1.96 -18.41
CA VAL C 383 -21.17 2.81 -19.37
C VAL C 383 -22.44 3.26 -18.68
N LEU C 384 -22.59 4.58 -18.60
CA LEU C 384 -23.80 5.17 -18.02
C LEU C 384 -24.76 5.52 -19.13
N LEU C 385 -26.02 5.75 -18.73
CA LEU C 385 -27.07 5.82 -19.77
C LEU C 385 -27.15 7.22 -20.35
#